data_7LLD
#
_entry.id   7LLD
#
_cell.length_a   71.455
_cell.length_b   75.036
_cell.length_c   186.031
_cell.angle_alpha   90.000
_cell.angle_beta   90.000
_cell.angle_gamma   90.000
#
_symmetry.space_group_name_H-M   'P 21 21 21'
#
loop_
_entity.id
_entity.type
_entity.pdbx_description
1 polymer "C-6' aminotransferase"
2 non-polymer 'TETRAETHYLENE GLYCOL'
3 non-polymer '(1R,2S,3S,4R,6S)-4,6-diamino-3-{[3-deoxy-4-C-methyl-3-(methylamino)-beta-L-arabinopyranosyl]oxy}-2-hydroxycyclohexyl 2-amino-2,3,4,6-tetradeoxy-6-[({3-hydroxy-2-methyl-5-[(phosphonooxy)methyl]pyridin-4-yl}methyl)amino]-alpha-D-erythro-hexopyranoside'
4 non-polymer 'CHLORIDE ION'
5 non-polymer '(1R,2S,3S,4R,6S)-4,6-diamino-3-{[3-deoxy-4-C-methyl-3-(methylamino)-beta-L-arabinopyranosyl]oxy}-2-hydroxycyclohexyl 2-amino-2,3,4,6-tetradeoxy-6-[({3-hydroxy-2-methyl-5-[(phosphonooxy)methyl]pyridin-4-yl}methyl)amino]-beta-L-threo-hexopyranoside'
6 water water
#
_entity_poly.entity_id   1
_entity_poly.type   'polypeptide(L)'
_entity_poly.pdbx_seq_one_letter_code
;HMNYRELIERARRTTAAEEYDISGRYPSVIAHAEGAWMTDLSGNRYVDLTGADAAVILGYRHPAVNEAITRQIRDYGTTF
ASTLSVPRVELAERMCERYECAEKVVFHKTGTEGTAMAVRLARAATGRELVLSSGYHGWHEWQMAGEEFGYQQSTGVVGF
GYNEKALAKMLEAFGEQVAGVIVSPEVLYFDLDHYRRMSALCARYDVPFMLDEVYTGFRAGPKGVHGLGVPADVVVLGKG
LANGHSLAAVMGRRDIIDAYDVSGIQGTYTREVPPMAAALAVFEVLDTPGVYEHAEAMGRRLADGMREILTGEGIPNWVG
GPALMFDVVLPNDDLGWEIYKTAHDFGVYFEDSGTQLVTAAFDEAAVDHALTAFRKATRQVVADRPDIAPTSGGELTEER
KLDFAEEAFGGLLRDDERTNALIDETIEKVVNRDRSIKPVLFPAQN
;
_entity_poly.pdbx_strand_id   A,B
#
# COMPACT_ATOMS: atom_id res chain seq x y z
N HIS A 1 -13.40 22.82 -17.21
CA HIS A 1 -14.78 23.30 -17.27
C HIS A 1 -15.19 23.83 -15.91
N MET A 2 -14.80 23.12 -14.85
CA MET A 2 -15.07 23.56 -13.48
C MET A 2 -13.86 24.28 -12.92
N ASN A 3 -14.11 25.33 -12.14
CA ASN A 3 -13.08 26.12 -11.51
C ASN A 3 -12.81 25.66 -10.07
N TYR A 4 -11.88 26.36 -9.41
CA TYR A 4 -11.44 25.93 -8.08
C TYR A 4 -12.60 25.91 -7.09
N ARG A 5 -13.38 27.00 -7.04
CA ARG A 5 -14.49 27.05 -6.08
C ARG A 5 -15.49 25.92 -6.32
N GLU A 6 -15.82 25.63 -7.58
CA GLU A 6 -16.74 24.53 -7.85
C GLU A 6 -16.13 23.20 -7.46
N LEU A 7 -14.85 22.98 -7.79
CA LEU A 7 -14.22 21.70 -7.51
CA LEU A 7 -14.25 21.68 -7.51
C LEU A 7 -14.16 21.42 -6.02
N ILE A 8 -13.75 22.42 -5.22
CA ILE A 8 -13.62 22.17 -3.79
C ILE A 8 -14.99 21.93 -3.15
N GLU A 9 -16.04 22.59 -3.63
CA GLU A 9 -17.37 22.32 -3.09
C GLU A 9 -17.82 20.91 -3.45
N ARG A 10 -17.63 20.51 -4.70
CA ARG A 10 -17.98 19.13 -5.09
C ARG A 10 -17.14 18.13 -4.31
N ALA A 11 -15.86 18.45 -4.08
CA ALA A 11 -14.99 17.55 -3.34
C ALA A 11 -15.39 17.44 -1.88
N ARG A 12 -15.73 18.56 -1.23
CA ARG A 12 -16.16 18.52 0.16
C ARG A 12 -17.37 17.60 0.35
N ARG A 13 -18.24 17.55 -0.65
CA ARG A 13 -19.43 16.72 -0.55
C ARG A 13 -19.14 15.24 -0.67
N THR A 14 -18.07 14.85 -1.39
CA THR A 14 -17.92 13.45 -1.78
C THR A 14 -16.58 12.80 -1.47
N THR A 15 -15.51 13.54 -1.16
CA THR A 15 -14.21 12.89 -1.06
C THR A 15 -13.17 13.62 -0.21
N ALA A 16 -13.26 14.93 -0.07
CA ALA A 16 -12.14 15.70 0.47
C ALA A 16 -12.03 15.61 1.99
N ALA A 17 -10.80 15.42 2.47
CA ALA A 17 -10.47 15.72 3.85
C ALA A 17 -10.22 17.21 3.95
N GLU A 18 -11.01 17.89 4.78
CA GLU A 18 -11.06 19.35 4.76
C GLU A 18 -9.68 19.98 4.88
N GLU A 19 -8.90 19.55 5.88
CA GLU A 19 -7.57 20.10 6.09
C GLU A 19 -6.57 19.54 5.08
N TYR A 20 -6.44 18.22 5.02
CA TYR A 20 -5.40 17.61 4.19
C TYR A 20 -5.56 17.97 2.71
N ASP A 21 -6.79 17.96 2.19
CA ASP A 21 -6.99 18.13 0.76
C ASP A 21 -7.24 19.56 0.33
N ILE A 22 -7.78 20.41 1.21
CA ILE A 22 -8.22 21.73 0.79
C ILE A 22 -7.55 22.85 1.57
N SER A 23 -7.95 23.04 2.84
CA SER A 23 -7.54 24.23 3.58
CA SER A 23 -7.54 24.23 3.57
C SER A 23 -6.07 24.23 3.94
N GLY A 24 -5.43 23.07 3.99
CA GLY A 24 -4.03 23.01 4.30
C GLY A 24 -3.09 23.20 3.13
N ARG A 25 -3.60 23.47 1.93
CA ARG A 25 -2.72 23.66 0.78
C ARG A 25 -3.19 24.85 -0.06
N TYR A 26 -2.42 25.14 -1.10
CA TYR A 26 -2.64 26.35 -1.87
C TYR A 26 -4.00 26.31 -2.56
N PRO A 27 -4.62 27.45 -2.77
CA PRO A 27 -5.99 27.46 -3.32
C PRO A 27 -6.02 27.35 -4.83
N SER A 28 -5.44 26.27 -5.35
CA SER A 28 -5.53 25.91 -6.76
C SER A 28 -5.48 24.40 -6.86
N VAL A 29 -5.98 23.87 -7.98
CA VAL A 29 -5.91 22.46 -8.29
C VAL A 29 -5.26 22.31 -9.65
N ILE A 30 -4.32 21.38 -9.77
CA ILE A 30 -3.56 21.23 -11.00
C ILE A 30 -4.35 20.37 -11.99
N ALA A 31 -4.50 20.86 -13.22
CA ALA A 31 -5.17 20.13 -14.29
C ALA A 31 -4.20 19.33 -15.15
N HIS A 32 -3.02 19.88 -15.44
CA HIS A 32 -2.03 19.21 -16.26
C HIS A 32 -0.66 19.82 -15.95
N ALA A 33 0.39 19.11 -16.33
CA ALA A 33 1.74 19.56 -15.97
C ALA A 33 2.74 18.99 -16.98
N GLU A 34 3.86 19.69 -17.14
CA GLU A 34 4.91 19.24 -18.04
C GLU A 34 6.25 19.83 -17.59
N GLY A 35 7.23 18.96 -17.43
CA GLY A 35 8.54 19.43 -16.99
C GLY A 35 8.47 20.01 -15.60
N ALA A 36 8.98 21.24 -15.45
CA ALA A 36 8.96 21.94 -14.17
C ALA A 36 7.65 22.69 -13.91
N TRP A 37 6.72 22.72 -14.87
CA TRP A 37 5.58 23.63 -14.81
C TRP A 37 4.26 22.87 -14.68
N MET A 38 3.35 23.43 -13.89
CA MET A 38 1.99 22.96 -13.71
C MET A 38 0.99 24.05 -14.09
N THR A 39 -0.18 23.62 -14.56
CA THR A 39 -1.25 24.53 -14.93
C THR A 39 -2.51 24.16 -14.15
N ASP A 40 -3.14 25.15 -13.55
CA ASP A 40 -4.34 24.93 -12.75
C ASP A 40 -5.60 24.93 -13.62
N LEU A 41 -6.76 24.80 -12.95
CA LEU A 41 -8.04 24.67 -13.65
C LEU A 41 -8.39 25.91 -14.47
N SER A 42 -7.81 27.06 -14.14
CA SER A 42 -8.10 28.30 -14.86
C SER A 42 -6.97 28.73 -15.76
N GLY A 43 -5.99 27.86 -16.00
CA GLY A 43 -4.92 28.15 -16.93
C GLY A 43 -3.71 28.87 -16.34
N ASN A 44 -3.70 29.14 -15.04
CA ASN A 44 -2.54 29.76 -14.43
C ASN A 44 -1.39 28.76 -14.33
N ARG A 45 -0.17 29.26 -14.50
CA ARG A 45 1.03 28.43 -14.55
C ARG A 45 1.85 28.59 -13.29
N TYR A 46 2.46 27.50 -12.83
CA TYR A 46 3.27 27.50 -11.63
C TYR A 46 4.51 26.65 -11.84
N VAL A 47 5.64 27.11 -11.32
CA VAL A 47 6.80 26.24 -11.15
C VAL A 47 6.57 25.38 -9.92
N ASP A 48 6.74 24.06 -10.06
CA ASP A 48 6.55 23.15 -8.92
C ASP A 48 7.89 22.95 -8.20
N LEU A 49 7.90 23.27 -6.90
CA LEU A 49 9.05 22.94 -6.06
C LEU A 49 8.73 21.88 -5.02
N THR A 50 7.58 21.19 -5.14
CA THR A 50 7.23 20.12 -4.23
C THR A 50 7.59 18.74 -4.77
N GLY A 51 7.98 18.64 -6.03
CA GLY A 51 8.25 17.34 -6.60
C GLY A 51 7.04 16.43 -6.63
N ALA A 52 5.83 17.01 -6.69
CA ALA A 52 4.59 16.24 -6.52
C ALA A 52 4.62 15.44 -5.23
N ASP A 53 4.88 16.14 -4.13
CA ASP A 53 5.17 15.54 -2.83
CA ASP A 53 5.13 15.51 -2.83
C ASP A 53 6.23 14.45 -2.93
N ALA A 54 7.30 14.80 -3.63
CA ALA A 54 8.51 14.01 -3.86
C ALA A 54 8.34 12.84 -4.81
N ALA A 55 7.13 12.62 -5.36
CA ALA A 55 6.95 11.49 -6.27
C ALA A 55 7.74 11.65 -7.56
N VAL A 56 7.99 12.89 -7.98
CA VAL A 56 8.57 13.18 -9.29
C VAL A 56 10.02 13.59 -9.12
N ILE A 57 10.91 12.99 -9.91
CA ILE A 57 12.34 13.31 -9.90
C ILE A 57 12.79 13.90 -11.24
N LEU A 58 12.21 13.43 -12.36
CA LEU A 58 12.65 13.91 -13.68
C LEU A 58 11.87 15.11 -14.16
N GLY A 59 10.63 15.27 -13.71
CA GLY A 59 9.71 16.26 -14.21
C GLY A 59 8.43 15.62 -14.69
N TYR A 60 7.39 16.42 -14.84
CA TYR A 60 6.07 15.92 -15.24
C TYR A 60 6.07 15.50 -16.71
N ARG A 61 5.36 14.41 -17.01
CA ARG A 61 5.24 13.90 -18.38
C ARG A 61 6.58 13.82 -19.10
N HIS A 62 7.55 13.23 -18.41
CA HIS A 62 8.85 13.04 -19.03
C HIS A 62 8.70 12.08 -20.21
N PRO A 63 9.22 12.42 -21.39
CA PRO A 63 8.90 11.60 -22.58
C PRO A 63 9.38 10.15 -22.48
N ALA A 64 10.55 9.90 -21.90
CA ALA A 64 11.03 8.51 -21.82
C ALA A 64 10.16 7.70 -20.87
N VAL A 65 9.77 8.29 -19.75
CA VAL A 65 8.92 7.56 -18.80
C VAL A 65 7.54 7.35 -19.40
N ASN A 66 6.97 8.39 -20.00
CA ASN A 66 5.65 8.25 -20.61
C ASN A 66 5.64 7.17 -21.68
N GLU A 67 6.68 7.13 -22.51
CA GLU A 67 6.76 6.10 -23.54
C GLU A 67 6.82 4.71 -22.94
N ALA A 68 7.66 4.52 -21.92
CA ALA A 68 7.81 3.18 -21.35
C ALA A 68 6.51 2.71 -20.71
N ILE A 69 5.85 3.58 -19.97
CA ILE A 69 4.64 3.11 -19.28
C ILE A 69 3.49 2.90 -20.26
N THR A 70 3.31 3.79 -21.24
CA THR A 70 2.22 3.65 -22.19
CA THR A 70 2.20 3.62 -22.15
C THR A 70 2.42 2.43 -23.08
N ARG A 71 3.67 2.19 -23.50
CA ARG A 71 3.95 1.02 -24.32
C ARG A 71 3.58 -0.26 -23.59
N GLN A 72 3.93 -0.37 -22.31
CA GLN A 72 3.60 -1.58 -21.57
C GLN A 72 2.08 -1.75 -21.44
N ILE A 73 1.38 -0.69 -21.02
CA ILE A 73 -0.07 -0.73 -20.87
C ILE A 73 -0.74 -1.10 -22.19
N ARG A 74 -0.34 -0.42 -23.26
CA ARG A 74 -1.06 -0.50 -24.54
C ARG A 74 -0.74 -1.77 -25.30
N ASP A 75 0.53 -2.17 -25.34
CA ASP A 75 0.97 -3.21 -26.26
C ASP A 75 1.13 -4.59 -25.61
N TYR A 76 1.16 -4.68 -24.28
CA TYR A 76 1.43 -5.96 -23.62
C TYR A 76 0.40 -6.25 -22.55
N GLY A 77 0.27 -5.38 -21.57
CA GLY A 77 -0.68 -5.58 -20.48
C GLY A 77 -0.13 -5.03 -19.19
N THR A 78 -1.01 -4.98 -18.18
CA THR A 78 -0.71 -4.27 -16.94
C THR A 78 -0.36 -5.21 -15.80
N THR A 79 -1.26 -6.16 -15.50
CA THR A 79 -1.05 -7.12 -14.43
CA THR A 79 -1.00 -7.13 -14.45
C THR A 79 -1.50 -8.48 -14.93
N PHE A 80 -0.65 -9.49 -14.84
CA PHE A 80 -0.90 -10.80 -15.41
C PHE A 80 -1.09 -11.85 -14.31
N ALA A 81 -1.43 -13.07 -14.75
CA ALA A 81 -1.61 -14.18 -13.84
C ALA A 81 -0.29 -14.67 -13.25
N SER A 82 0.83 -14.45 -13.92
CA SER A 82 2.15 -14.74 -13.36
C SER A 82 2.64 -13.54 -12.57
N THR A 83 3.41 -13.80 -11.52
CA THR A 83 3.98 -12.69 -10.74
C THR A 83 5.31 -12.23 -11.31
N LEU A 84 6.04 -13.12 -11.97
CA LEU A 84 7.24 -12.71 -12.68
C LEU A 84 6.85 -12.13 -14.04
N SER A 85 7.68 -11.22 -14.51
CA SER A 85 7.54 -10.64 -15.83
C SER A 85 8.94 -10.27 -16.30
N VAL A 86 9.09 -10.06 -17.61
CA VAL A 86 10.38 -9.60 -18.12
C VAL A 86 10.80 -8.25 -17.52
N PRO A 87 9.94 -7.23 -17.47
CA PRO A 87 10.39 -5.97 -16.86
C PRO A 87 10.73 -6.08 -15.39
N ARG A 88 10.04 -6.94 -14.62
CA ARG A 88 10.42 -7.10 -13.22
C ARG A 88 11.84 -7.65 -13.10
N VAL A 89 12.15 -8.68 -13.89
CA VAL A 89 13.48 -9.28 -13.79
C VAL A 89 14.55 -8.31 -14.27
N GLU A 90 14.30 -7.62 -15.38
CA GLU A 90 15.25 -6.64 -15.89
C GLU A 90 15.46 -5.50 -14.90
N LEU A 91 14.39 -5.05 -14.23
CA LEU A 91 14.53 -4.00 -13.23
C LEU A 91 15.31 -4.50 -12.02
N ALA A 92 15.02 -5.73 -11.57
CA ALA A 92 15.76 -6.30 -10.46
C ALA A 92 17.24 -6.43 -10.80
N GLU A 93 17.55 -6.87 -12.02
CA GLU A 93 18.95 -7.01 -12.42
C GLU A 93 19.64 -5.65 -12.45
N ARG A 94 18.97 -4.62 -12.95
N ARG A 94 18.97 -4.62 -12.97
CA ARG A 94 19.58 -3.30 -12.99
CA ARG A 94 19.53 -3.28 -12.99
C ARG A 94 19.84 -2.76 -11.58
C ARG A 94 19.84 -2.79 -11.58
N MET A 95 18.90 -2.96 -10.66
CA MET A 95 19.12 -2.49 -9.29
C MET A 95 20.18 -3.31 -8.56
N CYS A 96 20.25 -4.61 -8.81
CA CYS A 96 21.31 -5.40 -8.17
C CYS A 96 22.69 -4.96 -8.66
N GLU A 97 22.80 -4.59 -9.94
CA GLU A 97 24.06 -4.05 -10.45
C GLU A 97 24.35 -2.68 -9.86
N ARG A 98 23.31 -1.87 -9.64
CA ARG A 98 23.48 -0.46 -9.30
C ARG A 98 23.88 -0.25 -7.85
N TYR A 99 23.40 -1.10 -6.93
CA TYR A 99 23.52 -0.84 -5.50
C TYR A 99 24.31 -1.94 -4.80
N GLU A 100 25.24 -1.52 -3.93
CA GLU A 100 26.11 -2.46 -3.24
C GLU A 100 25.35 -3.43 -2.36
N CYS A 101 24.32 -2.95 -1.65
CA CYS A 101 23.57 -3.79 -0.72
C CYS A 101 22.58 -4.72 -1.42
N ALA A 102 22.27 -4.46 -2.70
CA ALA A 102 21.19 -5.16 -3.38
C ALA A 102 21.67 -6.50 -3.91
N GLU A 103 21.41 -7.57 -3.16
CA GLU A 103 21.58 -8.92 -3.67
C GLU A 103 20.29 -9.45 -4.28
N LYS A 104 19.16 -9.08 -3.69
CA LYS A 104 17.85 -9.34 -4.27
C LYS A 104 16.99 -8.11 -4.01
N VAL A 105 15.93 -7.97 -4.81
CA VAL A 105 15.03 -6.84 -4.68
C VAL A 105 13.60 -7.32 -4.94
N VAL A 106 12.67 -6.85 -4.10
CA VAL A 106 11.24 -7.10 -4.24
C VAL A 106 10.53 -5.75 -4.27
N PHE A 107 9.33 -5.74 -4.82
CA PHE A 107 8.66 -4.50 -5.17
C PHE A 107 7.32 -4.38 -4.47
N HIS A 108 6.91 -3.15 -4.17
CA HIS A 108 5.57 -3.06 -3.63
C HIS A 108 4.98 -1.76 -4.19
N LYS A 109 3.78 -1.38 -3.77
CA LYS A 109 3.11 -0.17 -4.30
C LYS A 109 3.47 1.14 -3.62
N THR A 110 3.73 1.16 -2.32
CA THR A 110 3.92 2.40 -1.59
C THR A 110 5.13 2.27 -0.68
N GLY A 111 5.70 3.42 -0.32
CA GLY A 111 6.82 3.41 0.60
C GLY A 111 6.44 2.95 2.00
N THR A 112 5.21 3.26 2.43
CA THR A 112 4.72 2.77 3.71
C THR A 112 4.70 1.25 3.74
N GLU A 113 4.23 0.62 2.67
CA GLU A 113 4.26 -0.84 2.61
CA GLU A 113 4.26 -0.84 2.62
C GLU A 113 5.69 -1.37 2.46
N GLY A 114 6.55 -0.63 1.75
CA GLY A 114 7.94 -1.06 1.62
C GLY A 114 8.67 -1.11 2.95
N THR A 115 8.51 -0.07 3.78
CA THR A 115 9.20 -0.10 5.07
C THR A 115 8.57 -1.12 6.01
N ALA A 116 7.25 -1.30 5.92
CA ALA A 116 6.61 -2.37 6.68
C ALA A 116 7.18 -3.73 6.27
N MET A 117 7.36 -3.93 4.96
CA MET A 117 7.97 -5.16 4.45
CA MET A 117 7.95 -5.17 4.48
C MET A 117 9.38 -5.35 4.99
N ALA A 118 10.19 -4.27 4.96
CA ALA A 118 11.56 -4.39 5.44
C ALA A 118 11.59 -4.88 6.89
N VAL A 119 10.72 -4.33 7.73
CA VAL A 119 10.70 -4.74 9.13
C VAL A 119 10.22 -6.18 9.26
N ARG A 120 9.20 -6.54 8.50
CA ARG A 120 8.65 -7.90 8.54
C ARG A 120 9.72 -8.92 8.13
N LEU A 121 10.50 -8.60 7.08
CA LEU A 121 11.56 -9.50 6.63
C LEU A 121 12.69 -9.60 7.65
N ALA A 122 13.08 -8.48 8.24
CA ALA A 122 14.14 -8.51 9.26
C ALA A 122 13.73 -9.38 10.44
N ARG A 123 12.49 -9.26 10.88
CA ARG A 123 12.01 -10.08 11.99
C ARG A 123 11.94 -11.55 11.58
N ALA A 124 11.45 -11.82 10.37
CA ALA A 124 11.36 -13.20 9.90
C ALA A 124 12.75 -13.81 9.74
N ALA A 125 13.71 -13.05 9.20
CA ALA A 125 15.04 -13.62 8.96
C ALA A 125 15.80 -13.84 10.25
N THR A 126 15.69 -12.94 11.22
CA THR A 126 16.48 -13.03 12.45
C THR A 126 15.77 -13.81 13.56
N GLY A 127 14.46 -13.92 13.50
CA GLY A 127 13.70 -14.50 14.59
C GLY A 127 13.62 -13.64 15.84
N ARG A 128 13.95 -12.35 15.74
CA ARG A 128 13.99 -11.44 16.87
C ARG A 128 12.83 -10.46 16.82
N GLU A 129 12.52 -9.88 17.99
CA GLU A 129 11.27 -9.16 18.21
C GLU A 129 11.36 -7.66 17.93
N LEU A 130 12.42 -6.99 18.39
CA LEU A 130 12.39 -5.53 18.48
C LEU A 130 13.02 -4.89 17.26
N VAL A 131 12.56 -3.68 16.97
CA VAL A 131 13.12 -2.84 15.91
CA VAL A 131 13.16 -2.85 15.94
C VAL A 131 13.43 -1.48 16.51
N LEU A 132 14.60 -0.94 16.21
CA LEU A 132 14.96 0.41 16.62
C LEU A 132 14.78 1.31 15.40
N SER A 133 14.16 2.48 15.61
CA SER A 133 13.76 3.33 14.50
C SER A 133 14.14 4.79 14.73
N SER A 134 14.51 5.48 13.65
CA SER A 134 14.58 6.94 13.61
C SER A 134 13.98 7.42 12.29
N GLY A 135 13.17 8.45 12.36
CA GLY A 135 12.57 9.08 11.20
C GLY A 135 11.21 8.51 10.84
N TYR A 136 10.57 9.19 9.88
CA TYR A 136 9.24 8.82 9.37
C TYR A 136 9.37 7.64 8.41
N HIS A 137 8.52 6.62 8.61
CA HIS A 137 8.53 5.47 7.71
C HIS A 137 7.19 5.20 7.05
N GLY A 138 6.14 5.92 7.41
CA GLY A 138 4.83 5.70 6.84
C GLY A 138 3.75 6.01 7.85
N TRP A 139 2.51 5.71 7.46
CA TRP A 139 1.35 6.22 8.20
C TRP A 139 0.74 5.21 9.16
N HIS A 140 1.27 3.99 9.24
CA HIS A 140 0.73 3.07 10.23
C HIS A 140 1.13 3.52 11.63
N GLU A 141 0.32 3.10 12.61
CA GLU A 141 0.53 3.55 13.98
C GLU A 141 1.93 3.22 14.49
N TRP A 142 2.43 2.00 14.21
CA TRP A 142 3.75 1.66 14.73
C TRP A 142 4.85 2.50 14.10
N GLN A 143 4.67 2.91 12.84
CA GLN A 143 5.64 3.80 12.20
C GLN A 143 5.58 5.18 12.83
N MET A 144 4.38 5.71 13.01
CA MET A 144 4.22 7.06 13.55
C MET A 144 4.73 7.13 15.00
N ALA A 145 4.44 6.12 15.80
CA ALA A 145 4.92 6.15 17.18
C ALA A 145 6.43 6.01 17.27
N GLY A 146 7.04 5.28 16.32
CA GLY A 146 8.48 5.11 16.30
C GLY A 146 9.24 6.38 16.01
N GLU A 147 8.56 7.42 15.53
CA GLU A 147 9.22 8.71 15.33
C GLU A 147 9.53 9.40 16.65
N GLU A 148 8.84 9.04 17.72
CA GLU A 148 9.10 9.62 19.03
C GLU A 148 10.08 8.73 19.77
N PHE A 149 10.99 9.34 20.53
CA PHE A 149 11.90 8.54 21.35
C PHE A 149 11.11 7.74 22.36
N GLY A 150 11.39 6.45 22.46
CA GLY A 150 10.77 5.63 23.49
C GLY A 150 10.34 4.29 22.96
N TYR A 151 9.74 3.47 23.82
CA TYR A 151 9.44 2.07 23.50
C TYR A 151 7.94 1.83 23.60
N GLN A 152 7.37 1.21 22.56
CA GLN A 152 5.98 0.77 22.56
C GLN A 152 5.97 -0.76 22.52
N GLN A 153 5.61 -1.38 23.65
CA GLN A 153 5.67 -2.83 23.74
C GLN A 153 4.67 -3.51 22.80
N SER A 154 3.53 -2.87 22.53
CA SER A 154 2.52 -3.49 21.66
CA SER A 154 2.53 -3.49 21.66
C SER A 154 2.98 -3.59 20.22
N THR A 155 3.94 -2.77 19.79
CA THR A 155 4.45 -2.83 18.42
C THR A 155 5.86 -3.40 18.33
N GLY A 156 6.59 -3.44 19.44
CA GLY A 156 7.96 -3.90 19.37
C GLY A 156 8.94 -2.90 18.79
N VAL A 157 8.61 -1.62 18.81
CA VAL A 157 9.45 -0.59 18.19
C VAL A 157 10.00 0.34 19.27
N VAL A 158 11.29 0.63 19.19
CA VAL A 158 11.94 1.62 20.05
C VAL A 158 12.43 2.75 19.16
N GLY A 159 11.89 3.95 19.37
CA GLY A 159 12.44 5.13 18.70
C GLY A 159 13.69 5.60 19.42
N PHE A 160 14.75 5.88 18.65
CA PHE A 160 16.01 6.33 19.24
C PHE A 160 16.46 7.73 18.81
N GLY A 161 15.63 8.44 18.05
CA GLY A 161 15.85 9.86 17.83
C GLY A 161 17.20 10.23 17.26
N TYR A 162 17.75 9.39 16.38
CA TYR A 162 19.00 9.60 15.68
C TYR A 162 20.21 9.64 16.60
N ASN A 163 20.05 9.28 17.87
CA ASN A 163 21.04 9.54 18.89
C ASN A 163 21.98 8.35 19.03
N GLU A 164 23.28 8.56 18.75
CA GLU A 164 24.26 7.47 18.68
C GLU A 164 24.56 6.93 20.06
N LYS A 165 24.58 7.82 21.06
CA LYS A 165 24.76 7.38 22.44
C LYS A 165 23.60 6.45 22.85
N ALA A 166 22.35 6.81 22.49
CA ALA A 166 21.21 5.91 22.73
C ALA A 166 21.37 4.60 21.97
N LEU A 167 21.71 4.66 20.68
CA LEU A 167 21.81 3.45 19.87
C LEU A 167 22.82 2.47 20.46
N ALA A 168 23.99 2.96 20.84
CA ALA A 168 25.02 2.07 21.35
C ALA A 168 24.57 1.43 22.66
N LYS A 169 23.95 2.22 23.54
CA LYS A 169 23.47 1.70 24.81
C LYS A 169 22.34 0.70 24.64
N MET A 170 21.46 0.92 23.66
CA MET A 170 20.36 -0.01 23.45
C MET A 170 20.88 -1.34 22.92
N LEU A 171 21.79 -1.29 21.95
CA LEU A 171 22.34 -2.52 21.40
C LEU A 171 23.11 -3.31 22.45
N GLU A 172 23.88 -2.61 23.29
CA GLU A 172 24.57 -3.32 24.37
C GLU A 172 23.59 -3.94 25.36
N ALA A 173 22.52 -3.22 25.70
CA ALA A 173 21.61 -3.69 26.74
C ALA A 173 20.69 -4.83 26.28
N PHE A 174 20.22 -4.77 25.03
CA PHE A 174 19.24 -5.75 24.56
C PHE A 174 19.36 -6.07 23.07
N GLY A 175 20.56 -5.89 22.50
CA GLY A 175 20.75 -6.11 21.08
C GLY A 175 20.42 -7.51 20.60
N GLU A 176 20.51 -8.51 21.48
CA GLU A 176 20.15 -9.87 21.12
C GLU A 176 18.66 -10.02 20.82
N GLN A 177 17.85 -9.03 21.18
CA GLN A 177 16.43 -9.01 20.88
C GLN A 177 16.08 -8.13 19.67
N VAL A 178 17.06 -7.57 18.99
CA VAL A 178 16.81 -6.53 17.99
C VAL A 178 16.93 -7.13 16.60
N ALA A 179 15.81 -7.15 15.86
CA ALA A 179 15.76 -7.69 14.51
C ALA A 179 16.32 -6.75 13.47
N GLY A 180 16.31 -5.44 13.74
CA GLY A 180 16.82 -4.51 12.77
C GLY A 180 16.75 -3.09 13.30
N VAL A 181 17.49 -2.22 12.63
CA VAL A 181 17.51 -0.79 12.89
C VAL A 181 17.11 -0.14 11.58
N ILE A 182 16.06 0.67 11.61
CA ILE A 182 15.55 1.28 10.38
C ILE A 182 15.57 2.80 10.53
N VAL A 183 16.28 3.48 9.63
CA VAL A 183 16.58 4.90 9.76
C VAL A 183 16.30 5.61 8.45
N SER A 184 15.55 6.70 8.51
CA SER A 184 15.40 7.62 7.37
C SER A 184 16.52 8.65 7.47
N PRO A 185 17.48 8.66 6.56
CA PRO A 185 18.65 9.54 6.76
C PRO A 185 18.25 11.01 6.71
N GLU A 186 18.61 11.74 7.76
CA GLU A 186 18.50 13.18 7.80
C GLU A 186 19.89 13.75 7.58
N VAL A 187 20.06 14.51 6.50
CA VAL A 187 21.39 14.96 6.11
C VAL A 187 21.53 16.47 6.10
N LEU A 188 20.69 17.16 6.88
CA LEU A 188 20.92 18.55 7.20
C LEU A 188 21.68 18.68 8.52
N TYR A 189 21.25 17.94 9.53
CA TYR A 189 21.86 18.00 10.86
C TYR A 189 22.99 17.00 11.03
N PHE A 190 23.08 15.99 10.18
CA PHE A 190 24.06 14.92 10.32
C PHE A 190 24.79 14.73 9.01
N ASP A 191 26.02 14.25 9.09
CA ASP A 191 26.79 13.94 7.89
C ASP A 191 26.79 12.44 7.63
N LEU A 192 27.43 12.04 6.52
CA LEU A 192 27.44 10.62 6.18
C LEU A 192 28.16 9.80 7.24
N ASP A 193 29.18 10.37 7.88
CA ASP A 193 29.92 9.63 8.90
C ASP A 193 29.01 9.23 10.07
N HIS A 194 27.99 10.04 10.35
CA HIS A 194 27.03 9.68 11.39
C HIS A 194 26.33 8.38 11.04
N TYR A 195 25.90 8.23 9.78
CA TYR A 195 25.22 7.00 9.36
C TYR A 195 26.18 5.83 9.24
N ARG A 196 27.44 6.08 8.85
CA ARG A 196 28.44 5.04 8.85
C ARG A 196 28.66 4.50 10.25
N ARG A 197 28.70 5.39 11.25
CA ARG A 197 28.83 4.93 12.63
C ARG A 197 27.61 4.12 13.09
N MET A 198 26.39 4.48 12.65
CA MET A 198 25.24 3.65 13.02
C MET A 198 25.42 2.27 12.42
N SER A 199 25.78 2.22 11.15
CA SER A 199 25.91 0.94 10.46
C SER A 199 26.95 0.07 11.14
N ALA A 200 28.07 0.68 11.55
CA ALA A 200 29.15 -0.04 12.21
C ALA A 200 28.69 -0.63 13.55
N LEU A 201 27.94 0.14 14.33
CA LEU A 201 27.41 -0.37 15.59
C LEU A 201 26.50 -1.56 15.35
N CYS A 202 25.60 -1.45 14.37
CA CYS A 202 24.71 -2.56 14.06
C CYS A 202 25.48 -3.80 13.67
N ALA A 203 26.53 -3.64 12.85
CA ALA A 203 27.32 -4.79 12.42
C ALA A 203 28.00 -5.48 13.60
N ARG A 204 28.47 -4.70 14.58
CA ARG A 204 29.14 -5.31 15.72
C ARG A 204 28.21 -6.13 16.60
N TYR A 205 26.90 -5.87 16.54
CA TYR A 205 25.93 -6.63 17.30
C TYR A 205 25.13 -7.60 16.44
N ASP A 206 25.54 -7.81 15.18
CA ASP A 206 24.83 -8.71 14.26
C ASP A 206 23.36 -8.31 14.08
N VAL A 207 23.12 -7.01 13.91
CA VAL A 207 21.77 -6.48 13.75
C VAL A 207 21.66 -5.86 12.36
N PRO A 208 20.71 -6.27 11.53
CA PRO A 208 20.55 -5.65 10.20
C PRO A 208 20.34 -4.14 10.30
N PHE A 209 21.06 -3.41 9.45
CA PHE A 209 20.92 -1.96 9.34
C PHE A 209 20.17 -1.64 8.06
N MET A 210 19.07 -0.89 8.19
CA MET A 210 18.16 -0.68 7.08
C MET A 210 17.96 0.80 6.87
N LEU A 211 18.25 1.28 5.66
CA LEU A 211 18.07 2.68 5.30
C LEU A 211 16.72 2.83 4.63
N ASP A 212 15.83 3.62 5.23
CA ASP A 212 14.58 4.01 4.59
C ASP A 212 14.90 5.21 3.71
N GLU A 213 15.06 4.97 2.41
CA GLU A 213 15.36 6.00 1.44
C GLU A 213 14.15 6.30 0.55
N VAL A 214 12.95 6.08 1.10
CA VAL A 214 11.75 6.40 0.33
C VAL A 214 11.78 7.85 -0.14
N TYR A 215 12.28 8.75 0.70
CA TYR A 215 12.43 10.17 0.35
C TYR A 215 13.80 10.49 -0.22
N THR A 216 14.87 10.00 0.41
CA THR A 216 16.21 10.44 0.04
C THR A 216 16.81 9.69 -1.15
N GLY A 217 16.15 8.62 -1.63
CA GLY A 217 16.80 7.69 -2.55
C GLY A 217 17.38 8.30 -3.81
N PHE A 218 16.73 9.34 -4.35
CA PHE A 218 17.19 9.96 -5.58
C PHE A 218 17.55 11.42 -5.39
N ARG A 219 17.50 11.91 -4.15
CA ARG A 219 17.69 13.32 -3.89
C ARG A 219 18.89 13.62 -3.01
N ALA A 220 19.34 12.68 -2.18
CA ALA A 220 20.62 12.89 -1.52
C ALA A 220 21.77 12.69 -2.50
N GLY A 221 21.51 11.95 -3.57
CA GLY A 221 22.47 11.63 -4.59
C GLY A 221 21.78 10.71 -5.57
N PRO A 222 22.39 10.44 -6.73
CA PRO A 222 21.70 9.60 -7.74
C PRO A 222 21.50 8.17 -7.28
N LYS A 223 22.27 7.71 -6.29
CA LYS A 223 22.11 6.39 -5.68
C LYS A 223 21.80 6.51 -4.20
N GLY A 224 21.25 7.64 -3.78
CA GLY A 224 20.86 7.85 -2.41
C GLY A 224 22.03 7.96 -1.44
N VAL A 225 21.66 7.96 -0.16
CA VAL A 225 22.66 7.98 0.91
C VAL A 225 23.51 6.69 0.87
N HIS A 226 22.87 5.55 0.60
CA HIS A 226 23.60 4.30 0.47
C HIS A 226 24.69 4.42 -0.59
N GLY A 227 24.35 4.94 -1.76
CA GLY A 227 25.31 5.06 -2.84
C GLY A 227 26.42 6.07 -2.58
N LEU A 228 26.19 7.01 -1.68
CA LEU A 228 27.27 7.89 -1.26
C LEU A 228 28.29 7.19 -0.39
N GLY A 229 28.02 5.95 0.03
CA GLY A 229 29.00 5.19 0.79
C GLY A 229 28.60 4.86 2.21
N VAL A 230 27.32 4.63 2.47
CA VAL A 230 26.85 4.18 3.78
C VAL A 230 26.41 2.72 3.64
N PRO A 231 27.13 1.77 4.25
CA PRO A 231 26.74 0.37 4.10
C PRO A 231 25.41 0.08 4.77
N ALA A 232 24.64 -0.81 4.17
CA ALA A 232 23.35 -1.19 4.73
C ALA A 232 23.04 -2.61 4.31
N ASP A 233 22.24 -3.28 5.12
CA ASP A 233 21.74 -4.60 4.80
C ASP A 233 20.45 -4.57 3.99
N VAL A 234 19.68 -3.49 4.11
CA VAL A 234 18.44 -3.30 3.37
C VAL A 234 18.32 -1.82 3.06
N VAL A 235 17.85 -1.50 1.86
CA VAL A 235 17.48 -0.14 1.48
C VAL A 235 16.08 -0.18 0.90
N VAL A 236 15.22 0.74 1.33
CA VAL A 236 13.88 0.90 0.78
C VAL A 236 13.87 2.15 -0.10
N LEU A 237 13.35 2.03 -1.32
CA LEU A 237 13.17 3.15 -2.24
C LEU A 237 11.69 3.30 -2.54
N GLY A 238 11.32 4.51 -2.95
CA GLY A 238 9.93 4.76 -3.31
C GLY A 238 9.75 6.03 -4.10
N LYS A 239 9.82 7.19 -3.45
CA LYS A 239 9.56 8.43 -4.16
C LYS A 239 10.58 8.66 -5.27
N GLY A 240 10.08 8.93 -6.48
CA GLY A 240 10.91 9.14 -7.64
C GLY A 240 11.23 7.89 -8.43
N LEU A 241 11.11 6.71 -7.82
CA LEU A 241 11.56 5.48 -8.46
C LEU A 241 10.90 5.27 -9.82
N ALA A 242 9.61 5.57 -9.93
CA ALA A 242 8.90 5.47 -11.20
C ALA A 242 8.37 6.83 -11.67
N ASN A 243 9.03 7.92 -11.23
CA ASN A 243 8.73 9.28 -11.66
C ASN A 243 7.24 9.66 -11.58
N GLY A 244 6.60 9.31 -10.47
CA GLY A 244 5.23 9.67 -10.21
C GLY A 244 4.26 8.51 -10.26
N HIS A 245 4.61 7.44 -10.95
CA HIS A 245 3.83 6.22 -10.88
C HIS A 245 4.19 5.49 -9.58
N SER A 246 3.20 4.84 -8.98
N SER A 246 3.20 4.84 -8.99
CA SER A 246 3.38 4.25 -7.66
CA SER A 246 3.39 4.25 -7.67
C SER A 246 4.22 2.98 -7.75
C SER A 246 4.22 2.98 -7.75
N LEU A 247 5.40 3.00 -7.13
CA LEU A 247 6.27 1.84 -7.04
C LEU A 247 7.24 2.07 -5.89
N ALA A 248 7.49 1.02 -5.12
CA ALA A 248 8.51 1.02 -4.09
C ALA A 248 9.32 -0.25 -4.23
N ALA A 249 10.53 -0.24 -3.66
CA ALA A 249 11.41 -1.39 -3.75
C ALA A 249 12.09 -1.63 -2.41
N VAL A 250 12.24 -2.91 -2.05
CA VAL A 250 13.03 -3.31 -0.89
C VAL A 250 14.16 -4.16 -1.43
N MET A 251 15.39 -3.66 -1.30
CA MET A 251 16.57 -4.34 -1.81
C MET A 251 17.52 -4.62 -0.67
N GLY A 252 18.19 -5.76 -0.72
CA GLY A 252 19.10 -6.04 0.38
C GLY A 252 19.73 -7.42 0.33
N ARG A 253 20.25 -7.79 1.49
CA ARG A 253 20.99 -9.02 1.69
C ARG A 253 20.11 -10.22 1.39
N ARG A 254 20.69 -11.21 0.73
CA ARG A 254 19.93 -12.35 0.20
C ARG A 254 19.09 -13.03 1.27
N ASP A 255 19.66 -13.28 2.44
CA ASP A 255 18.92 -14.03 3.46
C ASP A 255 17.75 -13.24 4.02
N ILE A 256 17.83 -11.91 4.00
CA ILE A 256 16.71 -11.12 4.48
C ILE A 256 15.59 -11.12 3.46
N ILE A 257 15.92 -10.85 2.19
CA ILE A 257 14.88 -10.84 1.15
C ILE A 257 14.27 -12.23 1.00
N ASP A 258 15.06 -13.28 1.19
CA ASP A 258 14.55 -14.62 1.00
C ASP A 258 13.64 -15.08 2.14
N ALA A 259 13.47 -14.25 3.18
CA ALA A 259 12.42 -14.51 4.16
C ALA A 259 11.03 -14.21 3.63
N TYR A 260 10.89 -13.82 2.36
CA TYR A 260 9.58 -13.45 1.84
C TYR A 260 8.59 -14.61 1.96
N ASP A 261 9.00 -15.82 1.55
CA ASP A 261 8.09 -16.97 1.61
C ASP A 261 7.56 -17.19 3.03
N VAL A 262 8.43 -17.19 4.03
CA VAL A 262 7.96 -17.57 5.36
C VAL A 262 7.25 -16.40 6.05
N SER A 263 7.41 -15.18 5.55
CA SER A 263 6.84 -14.02 6.22
C SER A 263 5.32 -13.94 6.03
N GLY A 264 4.81 -14.46 4.92
CA GLY A 264 3.42 -14.27 4.58
C GLY A 264 3.13 -13.02 3.79
N ILE A 265 4.15 -12.26 3.41
CA ILE A 265 3.92 -11.11 2.55
C ILE A 265 3.33 -11.58 1.23
N GLN A 266 2.39 -10.77 0.73
CA GLN A 266 1.70 -10.92 -0.54
C GLN A 266 1.22 -9.54 -0.94
N GLY A 267 0.03 -9.41 -1.49
CA GLY A 267 -0.30 -8.15 -2.10
C GLY A 267 -0.22 -8.30 -3.59
N THR A 268 -1.37 -8.15 -4.23
CA THR A 268 -1.51 -8.55 -5.63
C THR A 268 -0.83 -7.56 -6.55
N TYR A 269 -1.12 -6.28 -6.38
CA TYR A 269 -0.61 -5.29 -7.32
C TYR A 269 0.91 -5.14 -7.25
N THR A 270 1.59 -5.94 -6.40
CA THR A 270 3.05 -5.93 -6.40
C THR A 270 3.65 -6.46 -7.69
N ARG A 271 2.88 -7.17 -8.51
CA ARG A 271 3.34 -7.68 -9.80
C ARG A 271 3.05 -6.73 -10.96
N GLU A 272 2.37 -5.61 -10.71
CA GLU A 272 1.95 -4.69 -11.77
C GLU A 272 3.16 -4.21 -12.59
N VAL A 273 3.08 -4.36 -13.91
CA VAL A 273 4.25 -4.28 -14.78
C VAL A 273 4.61 -2.86 -15.23
N PRO A 274 3.66 -2.02 -15.64
CA PRO A 274 4.01 -0.71 -16.20
C PRO A 274 4.90 0.14 -15.30
N PRO A 275 4.66 0.21 -13.98
CA PRO A 275 5.60 1.02 -13.17
C PRO A 275 7.02 0.50 -13.18
N MET A 276 7.20 -0.82 -13.35
CA MET A 276 8.56 -1.36 -13.48
C MET A 276 9.23 -0.93 -14.78
N ALA A 277 8.48 -0.89 -15.87
CA ALA A 277 9.01 -0.33 -17.11
C ALA A 277 9.38 1.13 -16.92
N ALA A 278 8.56 1.88 -16.17
CA ALA A 278 8.86 3.29 -15.90
C ALA A 278 10.15 3.45 -15.11
N ALA A 279 10.33 2.61 -14.08
CA ALA A 279 11.54 2.68 -13.27
C ALA A 279 12.80 2.38 -14.08
N LEU A 280 12.75 1.38 -14.96
CA LEU A 280 13.87 1.16 -15.87
C LEU A 280 14.20 2.42 -16.66
N ALA A 281 13.17 3.12 -17.16
CA ALA A 281 13.40 4.36 -17.90
C ALA A 281 13.99 5.45 -17.01
N VAL A 282 13.58 5.50 -15.73
CA VAL A 282 14.11 6.50 -14.81
C VAL A 282 15.60 6.27 -14.59
N PHE A 283 16.00 5.02 -14.33
CA PHE A 283 17.43 4.75 -14.15
C PHE A 283 18.23 5.12 -15.39
N GLU A 284 17.67 4.86 -16.58
CA GLU A 284 18.36 5.20 -17.81
C GLU A 284 18.60 6.71 -17.92
N VAL A 285 17.60 7.51 -17.54
CA VAL A 285 17.77 8.96 -17.57
C VAL A 285 18.79 9.39 -16.50
N LEU A 286 18.64 8.87 -15.27
CA LEU A 286 19.55 9.29 -14.20
C LEU A 286 20.99 8.95 -14.52
N ASP A 287 21.22 7.89 -15.29
CA ASP A 287 22.55 7.43 -15.64
C ASP A 287 23.08 8.10 -16.90
N THR A 288 22.28 8.94 -17.55
CA THR A 288 22.72 9.66 -18.74
C THR A 288 23.65 10.80 -18.32
N PRO A 289 24.85 10.87 -18.88
CA PRO A 289 25.83 11.88 -18.44
C PRO A 289 25.26 13.29 -18.45
N GLY A 290 25.47 14.02 -17.36
CA GLY A 290 25.08 15.39 -17.27
C GLY A 290 23.70 15.65 -16.67
N VAL A 291 22.81 14.67 -16.71
CA VAL A 291 21.43 14.91 -16.27
C VAL A 291 21.39 15.23 -14.78
N TYR A 292 21.98 14.36 -13.95
CA TYR A 292 21.93 14.60 -12.51
C TYR A 292 22.75 15.83 -12.13
N GLU A 293 23.89 16.02 -12.79
CA GLU A 293 24.73 17.18 -12.49
C GLU A 293 23.99 18.48 -12.79
N HIS A 294 23.20 18.51 -13.88
CA HIS A 294 22.45 19.71 -14.20
C HIS A 294 21.35 19.96 -13.17
N ALA A 295 20.67 18.90 -12.73
CA ALA A 295 19.67 19.06 -11.68
C ALA A 295 20.28 19.64 -10.41
N GLU A 296 21.45 19.14 -10.01
CA GLU A 296 22.08 19.67 -8.80
C GLU A 296 22.47 21.14 -8.97
N ALA A 297 22.93 21.52 -10.17
CA ALA A 297 23.24 22.94 -10.41
C ALA A 297 22.00 23.80 -10.27
N MET A 298 20.84 23.29 -10.71
CA MET A 298 19.60 24.05 -10.57
C MET A 298 19.20 24.17 -9.11
N GLY A 299 19.37 23.10 -8.34
CA GLY A 299 19.10 23.16 -6.92
C GLY A 299 20.00 24.14 -6.20
N ARG A 300 21.30 24.16 -6.55
CA ARG A 300 22.22 25.12 -5.95
C ARG A 300 21.84 26.55 -6.33
N ARG A 301 21.43 26.76 -7.58
CA ARG A 301 21.02 28.09 -8.02
C ARG A 301 19.83 28.57 -7.21
N LEU A 302 18.87 27.68 -6.96
CA LEU A 302 17.69 28.04 -6.19
C LEU A 302 18.05 28.28 -4.73
N ALA A 303 18.80 27.37 -4.11
CA ALA A 303 19.16 27.51 -2.70
C ALA A 303 19.97 28.77 -2.46
N ASP A 304 20.99 29.00 -3.29
CA ASP A 304 21.79 30.22 -3.17
C ASP A 304 20.92 31.46 -3.31
N GLY A 305 20.00 31.46 -4.27
CA GLY A 305 19.14 32.63 -4.45
C GLY A 305 18.18 32.84 -3.28
N MET A 306 17.63 31.75 -2.74
CA MET A 306 16.71 31.91 -1.62
C MET A 306 17.43 32.39 -0.38
N ARG A 307 18.65 31.88 -0.15
CA ARG A 307 19.46 32.33 0.97
C ARG A 307 19.77 33.82 0.85
N GLU A 308 20.13 34.31 -0.34
CA GLU A 308 20.47 35.72 -0.37
C GLU A 308 19.23 36.62 -0.28
N ILE A 309 18.07 36.15 -0.74
CA ILE A 309 16.84 36.91 -0.58
C ILE A 309 16.51 37.09 0.90
N LEU A 310 16.55 36.01 1.67
CA LEU A 310 16.26 36.10 3.09
C LEU A 310 17.30 36.96 3.81
N THR A 311 18.58 36.72 3.53
CA THR A 311 19.63 37.50 4.17
C THR A 311 19.52 38.98 3.80
N GLY A 312 19.15 39.26 2.55
CA GLY A 312 19.00 40.64 2.12
C GLY A 312 17.90 41.38 2.86
N GLU A 313 16.90 40.65 3.36
CA GLU A 313 15.86 41.27 4.17
C GLU A 313 16.21 41.27 5.67
N GLY A 314 17.39 40.79 6.04
CA GLY A 314 17.75 40.71 7.44
C GLY A 314 17.11 39.58 8.24
N ILE A 315 16.53 38.59 7.58
CA ILE A 315 15.87 37.47 8.24
C ILE A 315 16.94 36.43 8.57
N PRO A 316 17.20 36.12 9.83
CA PRO A 316 18.11 35.01 10.11
C PRO A 316 17.57 33.71 9.54
N ASN A 317 18.49 32.91 8.98
CA ASN A 317 18.06 31.75 8.21
C ASN A 317 19.22 30.76 8.10
N TRP A 318 18.85 29.52 7.79
CA TRP A 318 19.79 28.47 7.47
C TRP A 318 19.24 27.74 6.26
N VAL A 319 19.97 27.79 5.15
CA VAL A 319 19.60 27.08 3.93
C VAL A 319 20.71 26.06 3.68
N GLY A 320 20.38 24.78 3.77
CA GLY A 320 21.41 23.77 3.64
C GLY A 320 20.81 22.43 3.29
N GLY A 321 21.72 21.45 3.14
CA GLY A 321 21.33 20.13 2.71
C GLY A 321 21.68 19.88 1.26
N PRO A 322 21.41 18.67 0.78
CA PRO A 322 21.72 18.35 -0.63
C PRO A 322 20.95 19.24 -1.60
N ALA A 323 21.55 19.46 -2.77
CA ALA A 323 20.97 20.36 -3.77
C ALA A 323 19.56 19.97 -4.16
N LEU A 324 19.26 18.67 -4.24
CA LEU A 324 17.93 18.18 -4.65
C LEU A 324 16.98 18.00 -3.48
N MET A 325 17.35 18.42 -2.28
CA MET A 325 16.48 18.32 -1.11
C MET A 325 16.98 19.23 0.01
N PHE A 326 17.02 20.53 -0.25
CA PHE A 326 17.59 21.45 0.72
C PHE A 326 16.49 22.06 1.58
N ASP A 327 16.84 22.31 2.84
CA ASP A 327 15.91 22.87 3.81
C ASP A 327 16.14 24.37 3.96
N VAL A 328 15.04 25.09 4.16
CA VAL A 328 15.04 26.51 4.45
C VAL A 328 14.51 26.65 5.88
N VAL A 329 15.41 26.91 6.84
CA VAL A 329 15.04 26.96 8.25
C VAL A 329 15.05 28.41 8.70
N LEU A 330 13.95 28.83 9.33
CA LEU A 330 13.72 30.23 9.71
C LEU A 330 13.57 30.34 11.23
N PRO A 331 13.49 31.55 11.80
CA PRO A 331 13.47 31.67 13.26
C PRO A 331 12.22 31.14 13.92
N ASN A 332 11.13 30.93 13.17
CA ASN A 332 9.89 30.44 13.72
C ASN A 332 9.20 29.65 12.64
N ASP A 333 8.17 28.91 13.02
CA ASP A 333 7.49 27.99 12.12
C ASP A 333 6.34 28.63 11.34
N ASP A 334 6.11 29.93 11.48
CA ASP A 334 5.04 30.62 10.78
C ASP A 334 5.52 31.37 9.55
N LEU A 335 6.74 31.89 9.58
CA LEU A 335 7.21 32.82 8.55
C LEU A 335 7.31 32.14 7.18
N GLY A 336 7.93 30.96 7.12
CA GLY A 336 8.04 30.28 5.83
C GLY A 336 6.70 30.03 5.19
N TRP A 337 5.77 29.45 5.96
CA TRP A 337 4.43 29.17 5.45
C TRP A 337 3.76 30.43 4.90
N GLU A 338 3.90 31.56 5.59
CA GLU A 338 3.26 32.78 5.10
C GLU A 338 3.90 33.25 3.79
N ILE A 339 5.23 33.15 3.69
CA ILE A 339 5.90 33.52 2.44
C ILE A 339 5.45 32.60 1.31
N TYR A 340 5.40 31.29 1.59
CA TYR A 340 5.06 30.34 0.53
C TYR A 340 3.63 30.52 0.07
N LYS A 341 2.69 30.78 0.99
CA LYS A 341 1.32 31.04 0.56
C LYS A 341 1.24 32.26 -0.33
N THR A 342 1.98 33.31 0.01
CA THR A 342 2.00 34.52 -0.80
C THR A 342 2.65 34.26 -2.15
N ALA A 343 3.69 33.42 -2.19
CA ALA A 343 4.38 33.15 -3.44
C ALA A 343 3.52 32.40 -4.44
N HIS A 344 2.51 31.66 -3.96
CA HIS A 344 1.57 31.00 -4.86
C HIS A 344 0.95 32.01 -5.82
N ASP A 345 0.73 33.23 -5.34
CA ASP A 345 0.09 34.29 -6.10
C ASP A 345 0.97 34.69 -7.28
N PHE A 346 2.26 34.41 -7.19
CA PHE A 346 3.25 34.81 -8.18
C PHE A 346 3.72 33.61 -9.02
N GLY A 347 2.99 32.51 -8.99
CA GLY A 347 3.27 31.42 -9.91
C GLY A 347 4.28 30.38 -9.48
N VAL A 348 4.36 30.06 -8.19
N VAL A 348 4.32 30.03 -8.20
CA VAL A 348 5.21 28.98 -7.68
CA VAL A 348 5.16 28.93 -7.74
C VAL A 348 4.46 28.18 -6.63
C VAL A 348 4.44 28.15 -6.64
N TYR A 349 4.67 26.84 -6.65
CA TYR A 349 4.34 25.96 -5.51
C TYR A 349 5.62 25.65 -4.76
N PHE A 350 5.93 26.43 -3.75
CA PHE A 350 7.01 26.03 -2.86
C PHE A 350 6.54 24.89 -1.95
N GLU A 351 7.49 24.09 -1.47
CA GLU A 351 7.19 23.07 -0.48
C GLU A 351 7.00 23.74 0.88
N ASP A 352 5.80 23.61 1.42
CA ASP A 352 5.43 24.33 2.64
C ASP A 352 6.19 23.84 3.87
N SER A 353 6.68 22.60 3.88
CA SER A 353 7.48 22.13 5.00
C SER A 353 8.91 22.65 4.97
N GLY A 354 9.29 23.35 3.89
CA GLY A 354 10.58 24.01 3.83
C GLY A 354 11.66 23.26 3.07
N THR A 355 11.42 22.02 2.64
CA THR A 355 12.41 21.27 1.86
C THR A 355 12.06 21.39 0.38
N GLN A 356 12.83 22.19 -0.34
CA GLN A 356 12.51 22.49 -1.74
C GLN A 356 13.13 21.45 -2.67
N LEU A 357 12.33 21.02 -3.66
CA LEU A 357 12.68 19.86 -4.49
C LEU A 357 12.65 20.25 -5.96
N VAL A 358 13.83 20.49 -6.55
CA VAL A 358 13.90 20.70 -7.99
C VAL A 358 13.82 19.33 -8.68
N THR A 359 13.57 19.33 -9.98
CA THR A 359 13.60 18.11 -10.78
C THR A 359 14.54 18.30 -11.95
N ALA A 360 14.84 17.20 -12.64
CA ALA A 360 15.77 17.26 -13.76
C ALA A 360 15.26 18.15 -14.90
N ALA A 361 13.97 18.42 -14.96
CA ALA A 361 13.41 19.27 -16.01
C ALA A 361 13.65 20.76 -15.76
N PHE A 362 14.19 21.13 -14.60
CA PHE A 362 14.41 22.53 -14.33
C PHE A 362 15.46 23.13 -15.26
N ASP A 363 15.27 24.39 -15.60
CA ASP A 363 16.29 25.18 -16.26
C ASP A 363 16.44 26.50 -15.52
N GLU A 364 17.36 27.34 -15.99
CA GLU A 364 17.60 28.61 -15.30
C GLU A 364 16.35 29.48 -15.28
N ALA A 365 15.57 29.45 -16.35
CA ALA A 365 14.34 30.26 -16.39
C ALA A 365 13.35 29.84 -15.31
N ALA A 366 13.22 28.53 -15.09
CA ALA A 366 12.29 28.07 -14.06
C ALA A 366 12.77 28.46 -12.67
N VAL A 367 14.07 28.27 -12.41
CA VAL A 367 14.63 28.66 -11.11
C VAL A 367 14.44 30.15 -10.87
N ASP A 368 14.76 30.95 -11.89
CA ASP A 368 14.70 32.41 -11.75
C ASP A 368 13.28 32.92 -11.61
N HIS A 369 12.32 32.25 -12.25
CA HIS A 369 10.92 32.57 -12.02
C HIS A 369 10.55 32.36 -10.56
N ALA A 370 10.99 31.23 -9.99
CA ALA A 370 10.71 30.94 -8.59
C ALA A 370 11.37 31.95 -7.65
N LEU A 371 12.61 32.34 -7.96
CA LEU A 371 13.32 33.30 -7.11
C LEU A 371 12.65 34.67 -7.15
N THR A 372 12.20 35.09 -8.33
CA THR A 372 11.50 36.37 -8.41
C THR A 372 10.23 36.35 -7.57
N ALA A 373 9.49 35.24 -7.61
CA ALA A 373 8.29 35.11 -6.79
C ALA A 373 8.64 35.12 -5.32
N PHE A 374 9.71 34.42 -4.94
CA PHE A 374 10.14 34.37 -3.55
C PHE A 374 10.56 35.75 -3.06
N ARG A 375 11.23 36.53 -3.91
N ARG A 375 11.28 36.51 -3.89
CA ARG A 375 11.66 37.86 -3.50
CA ARG A 375 11.65 37.87 -3.51
C ARG A 375 10.47 38.79 -3.27
C ARG A 375 10.42 38.72 -3.22
N LYS A 376 9.46 38.72 -4.15
CA LYS A 376 8.26 39.54 -3.96
C LYS A 376 7.45 39.09 -2.76
N ALA A 377 7.29 37.77 -2.59
CA ALA A 377 6.51 37.27 -1.45
C ALA A 377 7.20 37.60 -0.13
N THR A 378 8.52 37.46 -0.06
CA THR A 378 9.24 37.78 1.17
C THR A 378 9.08 39.24 1.52
N ARG A 379 9.22 40.12 0.53
CA ARG A 379 9.06 41.56 0.74
C ARG A 379 7.67 41.89 1.27
N GLN A 380 6.64 41.29 0.68
CA GLN A 380 5.27 41.53 1.12
C GLN A 380 5.05 41.06 2.56
N VAL A 381 5.48 39.85 2.88
CA VAL A 381 5.23 39.30 4.20
C VAL A 381 6.02 40.07 5.25
N VAL A 382 7.28 40.38 4.96
CA VAL A 382 8.08 41.18 5.91
C VAL A 382 7.35 42.47 6.25
N ALA A 383 6.85 43.16 5.21
CA ALA A 383 6.18 44.43 5.44
C ALA A 383 4.92 44.25 6.30
N ASP A 384 4.15 43.19 6.04
N ASP A 384 4.15 43.19 6.04
CA ASP A 384 2.86 43.02 6.69
CA ASP A 384 2.86 43.00 6.66
C ASP A 384 2.91 42.33 8.03
C ASP A 384 2.91 42.32 8.02
N ARG A 385 3.95 41.53 8.31
CA ARG A 385 3.95 40.64 9.47
C ARG A 385 5.20 40.81 10.34
N PRO A 386 5.37 41.97 10.97
CA PRO A 386 6.49 42.12 11.91
C PRO A 386 6.40 41.18 13.11
N ASP A 387 5.23 40.59 13.38
CA ASP A 387 5.11 39.63 14.47
C ASP A 387 5.92 38.36 14.19
N ILE A 388 6.13 38.01 12.92
CA ILE A 388 6.83 36.77 12.57
C ILE A 388 8.02 36.99 11.66
N ALA A 389 8.35 38.23 11.31
CA ALA A 389 9.40 38.52 10.32
C ALA A 389 10.46 39.43 10.93
N PRO A 390 11.38 38.88 11.72
CA PRO A 390 12.47 39.70 12.25
C PRO A 390 13.45 40.08 11.15
N THR A 391 13.85 41.35 11.13
CA THR A 391 14.72 41.88 10.07
C THR A 391 16.04 42.38 10.61
N SER A 392 16.38 42.00 11.83
CA SER A 392 17.54 42.50 12.55
C SER A 392 18.78 41.64 12.36
N GLY A 393 18.74 40.65 11.45
CA GLY A 393 19.93 39.92 11.07
C GLY A 393 20.40 38.90 12.10
N GLY A 394 21.60 38.40 11.85
CA GLY A 394 22.18 37.37 12.71
C GLY A 394 21.89 35.98 12.20
N GLU A 395 22.25 35.00 13.02
CA GLU A 395 22.04 33.59 12.72
C GLU A 395 20.90 33.05 13.58
N LEU A 396 20.37 31.90 13.18
CA LEU A 396 19.43 31.20 14.04
C LEU A 396 20.12 30.86 15.35
N THR A 397 19.37 30.97 16.45
CA THR A 397 19.96 30.60 17.74
C THR A 397 20.22 29.11 17.80
N GLU A 398 21.12 28.72 18.70
CA GLU A 398 21.36 27.30 18.94
C GLU A 398 20.11 26.62 19.47
N GLU A 399 19.34 27.31 20.32
CA GLU A 399 18.10 26.74 20.83
CA GLU A 399 18.09 26.75 20.82
C GLU A 399 17.10 26.49 19.70
N ARG A 400 16.95 27.45 18.79
CA ARG A 400 16.02 27.25 17.67
C ARG A 400 16.43 26.05 16.82
N LYS A 401 17.72 25.90 16.56
CA LYS A 401 18.15 24.75 15.75
C LYS A 401 17.91 23.44 16.49
N LEU A 402 18.16 23.40 17.79
CA LEU A 402 17.92 22.16 18.54
C LEU A 402 16.43 21.86 18.64
N ASP A 403 15.60 22.87 18.89
CA ASP A 403 14.16 22.65 18.98
C ASP A 403 13.58 22.23 17.64
N PHE A 404 14.04 22.85 16.55
CA PHE A 404 13.55 22.48 15.23
C PHE A 404 13.84 21.01 14.92
N ALA A 405 15.03 20.53 15.28
CA ALA A 405 15.36 19.14 14.98
C ALA A 405 14.45 18.17 15.73
N GLU A 406 14.16 18.46 17.00
CA GLU A 406 13.27 17.58 17.74
C GLU A 406 11.85 17.61 17.19
N GLU A 407 11.37 18.80 16.83
CA GLU A 407 10.00 18.94 16.33
CA GLU A 407 10.00 18.92 16.34
C GLU A 407 9.86 18.39 14.91
N ALA A 408 10.86 18.64 14.05
CA ALA A 408 10.72 18.27 12.65
C ALA A 408 10.90 16.79 12.42
N PHE A 409 11.85 16.15 13.10
CA PHE A 409 12.11 14.74 12.80
C PHE A 409 12.40 13.91 14.04
N GLY A 410 12.06 14.42 15.22
CA GLY A 410 12.28 13.66 16.43
C GLY A 410 13.73 13.47 16.81
N GLY A 411 14.63 14.32 16.31
CA GLY A 411 16.03 14.18 16.61
C GLY A 411 16.37 14.70 18.00
N LEU A 412 17.00 13.86 18.81
CA LEU A 412 17.37 14.29 20.16
C LEU A 412 18.87 14.56 20.13
N LEU A 413 19.22 15.82 19.97
CA LEU A 413 20.58 16.24 19.71
C LEU A 413 21.26 16.82 20.95
N ARG A 414 20.51 17.02 22.03
CA ARG A 414 21.09 17.59 23.24
C ARG A 414 21.75 16.50 24.07
N ASP A 415 22.90 16.84 24.66
CA ASP A 415 23.58 15.97 25.60
C ASP A 415 23.42 16.61 26.97
N ASP A 416 22.25 16.42 27.57
CA ASP A 416 21.91 17.09 28.82
C ASP A 416 21.21 16.10 29.74
N GLU A 417 20.70 16.61 30.86
CA GLU A 417 20.09 15.76 31.87
C GLU A 417 18.79 15.14 31.38
N ARG A 418 17.91 15.95 30.79
CA ARG A 418 16.62 15.41 30.33
C ARG A 418 16.83 14.32 29.29
N THR A 419 17.75 14.54 28.35
CA THR A 419 17.95 13.56 27.28
C THR A 419 18.56 12.27 27.82
N ASN A 420 19.58 12.41 28.68
CA ASN A 420 20.25 11.23 29.23
C ASN A 420 19.32 10.41 30.12
N ALA A 421 18.50 11.09 30.92
CA ALA A 421 17.54 10.37 31.75
C ALA A 421 16.50 9.67 30.89
N LEU A 422 16.09 10.29 29.78
CA LEU A 422 15.16 9.66 28.85
C LEU A 422 15.76 8.40 28.24
N ILE A 423 17.04 8.46 27.84
CA ILE A 423 17.71 7.28 27.30
C ILE A 423 17.69 6.15 28.33
N ASP A 424 18.11 6.44 29.57
CA ASP A 424 18.17 5.40 30.58
C ASP A 424 16.78 4.87 30.91
N GLU A 425 15.78 5.76 30.98
CA GLU A 425 14.42 5.35 31.28
C GLU A 425 13.87 4.40 30.22
N THR A 426 14.13 4.69 28.94
CA THR A 426 13.64 3.84 27.88
C THR A 426 14.32 2.47 27.89
N ILE A 427 15.63 2.46 28.16
CA ILE A 427 16.33 1.18 28.19
C ILE A 427 15.82 0.32 29.34
N GLU A 428 15.59 0.93 30.51
CA GLU A 428 15.05 0.18 31.65
C GLU A 428 13.67 -0.37 31.33
N LYS A 429 12.84 0.41 30.62
CA LYS A 429 11.52 -0.06 30.23
C LYS A 429 11.60 -1.32 29.37
N VAL A 430 12.53 -1.34 28.40
CA VAL A 430 12.69 -2.52 27.54
C VAL A 430 13.20 -3.71 28.35
N VAL A 431 14.26 -3.49 29.15
CA VAL A 431 14.94 -4.59 29.82
C VAL A 431 14.06 -5.23 30.89
N ASN A 432 13.25 -4.42 31.59
CA ASN A 432 12.47 -4.89 32.72
C ASN A 432 11.04 -5.29 32.37
N ARG A 433 10.71 -5.34 31.08
CA ARG A 433 9.33 -5.60 30.67
C ARG A 433 8.91 -7.04 30.96
N ASP A 434 7.60 -7.24 30.97
CA ASP A 434 7.01 -8.58 31.00
C ASP A 434 7.22 -9.22 29.63
N ARG A 435 8.15 -10.17 29.54
CA ARG A 435 8.51 -10.78 28.27
C ARG A 435 7.41 -11.65 27.68
N SER A 436 6.40 -12.02 28.49
CA SER A 436 5.29 -12.80 27.97
C SER A 436 4.35 -12.00 27.08
N ILE A 437 4.53 -10.69 26.99
CA ILE A 437 3.62 -9.81 26.29
C ILE A 437 4.37 -9.18 25.12
N LYS A 438 3.96 -9.49 23.90
CA LYS A 438 4.70 -8.99 22.76
C LYS A 438 3.78 -8.85 21.56
N PRO A 439 4.24 -8.17 20.50
CA PRO A 439 3.37 -7.97 19.34
C PRO A 439 3.03 -9.29 18.67
N VAL A 440 1.96 -9.24 17.89
CA VAL A 440 1.60 -10.36 17.02
C VAL A 440 2.60 -10.37 15.85
N LEU A 441 3.32 -11.47 15.69
CA LEU A 441 4.32 -11.59 14.64
C LEU A 441 4.07 -12.81 13.78
N PHE A 442 4.41 -12.71 12.50
CA PHE A 442 4.33 -13.82 11.55
C PHE A 442 5.67 -13.90 10.81
N PRO A 443 6.42 -15.00 10.96
CA PRO A 443 6.13 -16.17 11.79
C PRO A 443 6.10 -15.86 13.28
N ALA A 444 5.33 -16.63 14.03
CA ALA A 444 5.23 -16.42 15.47
C ALA A 444 6.59 -16.63 16.13
N GLN A 445 6.83 -15.85 17.18
CA GLN A 445 8.04 -15.98 17.97
C GLN A 445 7.77 -16.40 19.41
N ASN A 446 6.53 -16.33 19.88
CA ASN A 446 6.11 -17.00 21.11
C ASN A 446 5.85 -18.47 20.83
N MET B 2 13.95 -14.94 -24.25
CA MET B 2 14.46 -15.90 -23.28
C MET B 2 13.30 -16.86 -23.13
N ASN B 3 13.53 -18.05 -22.61
CA ASN B 3 12.43 -18.94 -22.30
C ASN B 3 12.18 -18.94 -20.80
N TYR B 4 11.23 -19.79 -20.38
CA TYR B 4 10.87 -19.89 -18.97
C TYR B 4 12.10 -20.23 -18.11
N ARG B 5 12.84 -21.27 -18.48
CA ARG B 5 13.97 -21.73 -17.66
C ARG B 5 15.01 -20.65 -17.53
N GLU B 6 15.33 -19.97 -18.63
CA GLU B 6 16.27 -18.85 -18.57
C GLU B 6 15.79 -17.73 -17.68
N LEU B 7 14.50 -17.37 -17.77
CA LEU B 7 14.00 -16.27 -16.96
CA LEU B 7 14.02 -16.26 -16.96
C LEU B 7 14.00 -16.62 -15.48
N ILE B 8 13.57 -17.84 -15.13
CA ILE B 8 13.53 -18.20 -13.71
C ILE B 8 14.93 -18.28 -13.11
N GLU B 9 15.91 -18.71 -13.88
CA GLU B 9 17.27 -18.71 -13.36
CA GLU B 9 17.29 -18.72 -13.40
C GLU B 9 17.75 -17.29 -13.06
N ARG B 10 17.45 -16.35 -13.96
CA ARG B 10 17.76 -14.96 -13.68
C ARG B 10 16.95 -14.43 -12.50
N ALA B 11 15.68 -14.81 -12.43
CA ALA B 11 14.80 -14.30 -11.37
C ALA B 11 15.22 -14.83 -10.00
N ARG B 12 15.61 -16.10 -9.92
CA ARG B 12 16.08 -16.65 -8.65
C ARG B 12 17.23 -15.85 -8.07
N ARG B 13 18.13 -15.37 -8.93
CA ARG B 13 19.30 -14.63 -8.45
C ARG B 13 18.93 -13.25 -7.92
N THR B 14 17.88 -12.64 -8.44
CA THR B 14 17.70 -11.21 -8.24
C THR B 14 16.38 -10.78 -7.62
N THR B 15 15.32 -11.60 -7.63
CA THR B 15 14.03 -11.07 -7.20
C THR B 15 13.04 -12.12 -6.69
N ALA B 16 13.14 -13.35 -7.19
CA ALA B 16 12.06 -14.32 -7.02
C ALA B 16 12.08 -14.97 -5.63
N ALA B 17 10.90 -15.04 -5.01
CA ALA B 17 10.69 -15.92 -3.87
C ALA B 17 10.37 -17.30 -4.41
N GLU B 18 11.13 -18.32 -3.99
CA GLU B 18 11.08 -19.59 -4.71
C GLU B 18 9.67 -20.17 -4.76
N GLU B 19 8.99 -20.24 -3.61
CA GLU B 19 7.65 -20.81 -3.62
C GLU B 19 6.62 -19.84 -4.19
N TYR B 20 6.58 -18.61 -3.69
CA TYR B 20 5.52 -17.69 -4.10
C TYR B 20 5.60 -17.36 -5.58
N ASP B 21 6.81 -17.13 -6.11
CA ASP B 21 6.98 -16.69 -7.48
C ASP B 21 7.17 -17.82 -8.49
N ILE B 22 7.69 -18.97 -8.07
CA ILE B 22 8.13 -19.97 -9.04
C ILE B 22 7.49 -21.32 -8.83
N SER B 23 7.90 -22.04 -7.78
CA SER B 23 7.51 -23.44 -7.63
CA SER B 23 7.50 -23.44 -7.63
C SER B 23 6.05 -23.61 -7.21
N GLY B 24 5.43 -22.57 -6.64
CA GLY B 24 4.03 -22.66 -6.29
C GLY B 24 3.09 -22.27 -7.40
N ARG B 25 3.61 -21.98 -8.59
CA ARG B 25 2.82 -21.48 -9.70
C ARG B 25 3.07 -22.34 -10.93
N TYR B 26 2.20 -22.18 -11.92
CA TYR B 26 2.38 -22.90 -13.18
C TYR B 26 3.70 -22.51 -13.82
N PRO B 27 4.34 -23.44 -14.54
CA PRO B 27 5.66 -23.18 -15.12
C PRO B 27 5.61 -22.41 -16.43
N SER B 28 5.06 -21.19 -16.38
CA SER B 28 5.09 -20.27 -17.51
C SER B 28 5.05 -18.85 -16.98
N VAL B 29 5.53 -17.92 -17.81
CA VAL B 29 5.51 -16.49 -17.50
C VAL B 29 4.81 -15.77 -18.65
N ILE B 30 3.85 -14.91 -18.32
CA ILE B 30 3.03 -14.26 -19.33
C ILE B 30 3.76 -13.05 -19.90
N ALA B 31 3.80 -12.95 -21.23
CA ALA B 31 4.38 -11.83 -21.95
C ALA B 31 3.35 -10.78 -22.35
N HIS B 32 2.17 -11.20 -22.82
CA HIS B 32 1.10 -10.27 -23.17
C HIS B 32 -0.23 -10.97 -23.00
N ALA B 33 -1.31 -10.18 -22.98
CA ALA B 33 -2.63 -10.75 -22.81
C ALA B 33 -3.67 -9.79 -23.36
N GLU B 34 -4.80 -10.34 -23.81
CA GLU B 34 -5.87 -9.55 -24.40
C GLU B 34 -7.17 -10.33 -24.26
N GLY B 35 -8.20 -9.66 -23.73
CA GLY B 35 -9.46 -10.36 -23.53
C GLY B 35 -9.31 -11.46 -22.50
N ALA B 36 -9.72 -12.68 -22.90
CA ALA B 36 -9.64 -13.86 -22.04
C ALA B 36 -8.32 -14.62 -22.14
N TRP B 37 -7.43 -14.23 -23.06
CA TRP B 37 -6.31 -15.07 -23.47
C TRP B 37 -4.97 -14.42 -23.12
N MET B 38 -4.03 -15.25 -22.65
CA MET B 38 -2.70 -14.81 -22.25
C MET B 38 -1.70 -15.59 -23.08
N THR B 39 -0.54 -14.99 -23.36
CA THR B 39 0.51 -15.66 -24.12
C THR B 39 1.80 -15.64 -23.32
N ASP B 40 2.47 -16.78 -23.25
CA ASP B 40 3.69 -16.91 -22.47
C ASP B 40 4.93 -16.53 -23.29
N LEU B 41 6.11 -16.72 -22.68
CA LEU B 41 7.36 -16.28 -23.30
C LEU B 41 7.70 -17.06 -24.56
N SER B 42 7.10 -18.24 -24.75
CA SER B 42 7.36 -19.07 -25.91
C SER B 42 6.19 -19.09 -26.89
N GLY B 43 5.21 -18.22 -26.71
CA GLY B 43 4.09 -18.16 -27.61
C GLY B 43 2.94 -19.10 -27.29
N ASN B 44 3.02 -19.88 -26.21
CA ASN B 44 1.89 -20.72 -25.83
C ASN B 44 0.76 -19.85 -25.30
N ARG B 45 -0.47 -20.23 -25.63
CA ARG B 45 -1.66 -19.46 -25.29
C ARG B 45 -2.48 -20.16 -24.21
N TYR B 46 -3.08 -19.37 -23.32
CA TYR B 46 -3.87 -19.90 -22.20
C TYR B 46 -5.10 -19.03 -21.98
N VAL B 47 -6.22 -19.67 -21.66
CA VAL B 47 -7.36 -18.93 -21.09
C VAL B 47 -7.08 -18.72 -19.61
N ASP B 48 -7.28 -17.48 -19.13
CA ASP B 48 -7.04 -17.18 -17.72
C ASP B 48 -8.34 -17.30 -16.94
N LEU B 49 -8.33 -18.11 -15.89
CA LEU B 49 -9.43 -18.19 -14.94
C LEU B 49 -9.05 -17.67 -13.56
N THR B 50 -7.91 -16.98 -13.45
CA THR B 50 -7.50 -16.39 -12.19
C THR B 50 -7.87 -14.91 -12.08
N GLY B 51 -8.35 -14.30 -13.16
CA GLY B 51 -8.57 -12.86 -13.14
C GLY B 51 -7.34 -12.06 -12.77
N ALA B 52 -6.15 -12.54 -13.12
CA ALA B 52 -4.90 -11.92 -12.68
C ALA B 52 -4.90 -11.74 -11.17
N ASP B 53 -5.16 -12.84 -10.48
CA ASP B 53 -5.36 -12.85 -9.03
C ASP B 53 -6.44 -11.86 -8.62
N ALA B 54 -7.55 -11.90 -9.37
CA ALA B 54 -8.77 -11.12 -9.16
C ALA B 54 -8.64 -9.64 -9.51
N ALA B 55 -7.46 -9.17 -9.94
CA ALA B 55 -7.31 -7.75 -10.28
C ALA B 55 -8.14 -7.35 -11.50
N VAL B 56 -8.43 -8.30 -12.39
CA VAL B 56 -9.08 -8.02 -13.67
C VAL B 56 -10.53 -8.49 -13.60
N ILE B 57 -11.46 -7.62 -14.02
CA ILE B 57 -12.89 -7.94 -14.06
C ILE B 57 -13.43 -7.92 -15.50
N LEU B 58 -12.92 -7.00 -16.32
CA LEU B 58 -13.45 -6.87 -17.68
C LEU B 58 -12.69 -7.70 -18.69
N GLY B 59 -11.44 -8.03 -18.41
CA GLY B 59 -10.58 -8.67 -19.39
C GLY B 59 -9.26 -7.95 -19.52
N TYR B 60 -8.27 -8.62 -20.11
CA TYR B 60 -6.95 -8.02 -20.29
C TYR B 60 -6.99 -6.93 -21.36
N ARG B 61 -6.21 -5.88 -21.14
CA ARG B 61 -6.12 -4.75 -22.07
C ARG B 61 -7.50 -4.32 -22.57
N HIS B 62 -8.42 -4.10 -21.64
CA HIS B 62 -9.73 -3.66 -22.04
C HIS B 62 -9.62 -2.34 -22.81
N PRO B 63 -10.14 -2.25 -24.03
CA PRO B 63 -9.84 -1.08 -24.88
C PRO B 63 -10.35 0.24 -24.32
N ALA B 64 -11.57 0.31 -23.79
CA ALA B 64 -12.05 1.57 -23.25
C ALA B 64 -11.28 1.98 -22.00
N VAL B 65 -10.98 1.02 -21.13
CA VAL B 65 -10.17 1.33 -19.94
C VAL B 65 -8.79 1.81 -20.38
N ASN B 66 -8.16 1.11 -21.32
CA ASN B 66 -6.81 1.52 -21.70
C ASN B 66 -6.81 2.87 -22.39
N GLU B 67 -7.84 3.17 -23.19
CA GLU B 67 -7.91 4.49 -23.79
C GLU B 67 -7.97 5.57 -22.72
N ALA B 68 -8.78 5.35 -21.69
CA ALA B 68 -8.93 6.37 -20.65
C ALA B 68 -7.64 6.57 -19.88
N ILE B 69 -6.95 5.49 -19.52
CA ILE B 69 -5.76 5.64 -18.70
C ILE B 69 -4.63 6.26 -19.50
N THR B 70 -4.44 5.84 -20.75
CA THR B 70 -3.35 6.41 -21.52
C THR B 70 -3.62 7.88 -21.87
N ARG B 71 -4.88 8.25 -22.10
CA ARG B 71 -5.20 9.65 -22.32
C ARG B 71 -4.80 10.50 -21.11
N GLN B 72 -5.12 10.03 -19.90
CA GLN B 72 -4.72 10.80 -18.71
C GLN B 72 -3.20 10.94 -18.62
N ILE B 73 -2.47 9.85 -18.86
CA ILE B 73 -1.02 9.89 -18.75
C ILE B 73 -0.41 10.81 -19.82
N ARG B 74 -0.91 10.71 -21.05
CA ARG B 74 -0.29 11.42 -22.17
C ARG B 74 -0.68 12.90 -22.19
N ASP B 75 -1.94 13.21 -21.86
CA ASP B 75 -2.46 14.56 -22.11
C ASP B 75 -2.48 15.44 -20.88
N TYR B 76 -2.35 14.89 -19.67
CA TYR B 76 -2.45 15.70 -18.47
C TYR B 76 -1.31 15.43 -17.50
N GLY B 77 -1.17 14.17 -17.10
CA GLY B 77 -0.13 13.78 -16.17
C GLY B 77 -0.62 12.74 -15.18
N THR B 78 0.26 12.30 -14.29
CA THR B 78 -0.02 11.14 -13.43
C THR B 78 -0.28 11.53 -11.99
N THR B 79 0.65 12.25 -11.34
N THR B 79 0.71 12.07 -11.29
CA THR B 79 0.57 12.57 -9.92
CA THR B 79 0.51 12.61 -9.97
C THR B 79 1.05 14.00 -9.71
C THR B 79 0.88 14.08 -10.02
N PHE B 80 0.17 14.87 -9.23
CA PHE B 80 0.40 16.31 -9.22
C PHE B 80 0.67 16.80 -7.80
N ALA B 81 1.05 18.09 -7.70
CA ALA B 81 1.28 18.69 -6.40
C ALA B 81 0.01 18.80 -5.56
N SER B 82 -1.14 18.95 -6.20
CA SER B 82 -2.43 18.95 -5.51
C SER B 82 -2.96 17.53 -5.37
N THR B 83 -3.69 17.27 -4.29
CA THR B 83 -4.26 15.95 -4.04
C THR B 83 -5.62 15.78 -4.69
N LEU B 84 -6.38 16.84 -4.83
CA LEU B 84 -7.61 16.74 -5.59
C LEU B 84 -7.31 16.86 -7.07
N SER B 85 -8.21 16.31 -7.88
CA SER B 85 -8.13 16.36 -9.33
C SER B 85 -9.55 16.21 -9.84
N VAL B 86 -9.77 16.61 -11.09
CA VAL B 86 -11.08 16.41 -11.70
C VAL B 86 -11.46 14.93 -11.72
N PRO B 87 -10.60 14.00 -12.16
CA PRO B 87 -11.01 12.59 -12.16
C PRO B 87 -11.30 12.05 -10.77
N ARG B 88 -10.56 12.48 -9.74
CA ARG B 88 -10.88 12.04 -8.39
C ARG B 88 -12.29 12.46 -7.98
N VAL B 89 -12.65 13.71 -8.26
CA VAL B 89 -13.97 14.19 -7.86
C VAL B 89 -15.05 13.53 -8.69
N GLU B 90 -14.84 13.39 -10.00
CA GLU B 90 -15.83 12.69 -10.83
C GLU B 90 -16.01 11.25 -10.39
N LEU B 91 -14.93 10.55 -10.06
CA LEU B 91 -15.05 9.18 -9.58
C LEU B 91 -15.77 9.11 -8.24
N ALA B 92 -15.41 9.99 -7.31
CA ALA B 92 -16.10 10.01 -6.03
C ALA B 92 -17.59 10.26 -6.20
N GLU B 93 -17.96 11.22 -7.06
CA GLU B 93 -19.37 11.48 -7.31
C GLU B 93 -20.06 10.26 -7.90
N ARG B 94 -19.42 9.59 -8.86
CA ARG B 94 -20.01 8.39 -9.43
C ARG B 94 -20.23 7.32 -8.37
N MET B 95 -19.24 7.12 -7.48
CA MET B 95 -19.41 6.10 -6.43
C MET B 95 -20.45 6.46 -5.39
N CYS B 96 -20.53 7.72 -5.00
CA CYS B 96 -21.57 8.10 -4.05
C CYS B 96 -22.97 7.92 -4.63
N GLU B 97 -23.13 8.18 -5.93
CA GLU B 97 -24.44 7.96 -6.54
C GLU B 97 -24.75 6.47 -6.66
N ARG B 98 -23.71 5.64 -6.83
CA ARG B 98 -23.90 4.23 -7.16
C ARG B 98 -24.23 3.38 -5.94
N TYR B 99 -23.69 3.72 -4.77
CA TYR B 99 -23.74 2.85 -3.61
C TYR B 99 -24.48 3.52 -2.45
N GLU B 100 -25.35 2.74 -1.80
CA GLU B 100 -26.15 3.28 -0.71
C GLU B 100 -25.30 3.73 0.48
N CYS B 101 -24.21 3.03 0.78
CA CYS B 101 -23.48 3.40 1.98
C CYS B 101 -22.57 4.60 1.73
N ALA B 102 -22.34 4.95 0.47
CA ALA B 102 -21.27 5.88 0.12
C ALA B 102 -21.81 7.30 0.22
N GLU B 103 -21.43 7.98 1.31
CA GLU B 103 -21.61 9.42 1.44
C GLU B 103 -20.34 10.18 1.10
N LYS B 104 -19.18 9.61 1.41
CA LYS B 104 -17.90 10.09 0.94
C LYS B 104 -17.04 8.88 0.64
N VAL B 105 -15.99 9.09 -0.15
CA VAL B 105 -15.09 8.01 -0.52
CA VAL B 105 -15.10 8.01 -0.59
C VAL B 105 -13.67 8.55 -0.58
N VAL B 106 -12.72 7.75 -0.09
CA VAL B 106 -11.29 8.08 -0.18
C VAL B 106 -10.59 6.89 -0.83
N PHE B 107 -9.40 7.15 -1.37
CA PHE B 107 -8.74 6.19 -2.26
C PHE B 107 -7.38 5.79 -1.72
N HIS B 108 -6.96 4.58 -2.08
CA HIS B 108 -5.60 4.11 -1.77
C HIS B 108 -5.11 3.25 -2.92
N LYS B 109 -3.93 2.68 -2.75
CA LYS B 109 -3.32 1.82 -3.76
C LYS B 109 -3.70 0.35 -3.67
N THR B 110 -3.83 -0.19 -2.47
CA THR B 110 -3.99 -1.63 -2.30
C THR B 110 -5.13 -1.90 -1.34
N GLY B 111 -5.69 -3.11 -1.48
CA GLY B 111 -6.76 -3.50 -0.57
C GLY B 111 -6.29 -3.67 0.86
N THR B 112 -5.05 -4.14 1.05
CA THR B 112 -4.48 -4.24 2.40
C THR B 112 -4.47 -2.89 3.08
N GLU B 113 -4.05 -1.86 2.36
CA GLU B 113 -4.06 -0.52 2.94
CA GLU B 113 -4.05 -0.51 2.92
C GLU B 113 -5.47 0.04 3.06
N GLY B 114 -6.37 -0.36 2.16
CA GLY B 114 -7.75 0.11 2.25
C GLY B 114 -8.45 -0.39 3.50
N THR B 115 -8.32 -1.69 3.80
CA THR B 115 -8.97 -2.20 5.00
C THR B 115 -8.29 -1.66 6.26
N ALA B 116 -6.97 -1.47 6.22
CA ALA B 116 -6.31 -0.83 7.35
C ALA B 116 -6.85 0.59 7.55
N MET B 117 -7.10 1.31 6.48
CA MET B 117 -7.62 2.66 6.58
C MET B 117 -9.05 2.65 7.15
N ALA B 118 -9.86 1.69 6.71
CA ALA B 118 -11.22 1.57 7.23
C ALA B 118 -11.21 1.39 8.74
N VAL B 119 -10.34 0.51 9.24
CA VAL B 119 -10.24 0.28 10.68
C VAL B 119 -9.71 1.52 11.39
N ARG B 120 -8.71 2.18 10.82
CA ARG B 120 -8.18 3.41 11.39
C ARG B 120 -9.27 4.48 11.49
N LEU B 121 -10.08 4.63 10.45
CA LEU B 121 -11.13 5.64 10.45
C LEU B 121 -12.24 5.31 11.44
N ALA B 122 -12.63 4.03 11.53
CA ALA B 122 -13.66 3.63 12.49
C ALA B 122 -13.22 3.90 13.92
N ARG B 123 -11.96 3.57 14.26
CA ARG B 123 -11.44 3.88 15.58
C ARG B 123 -11.40 5.39 15.82
N ALA B 124 -10.99 6.17 14.82
CA ALA B 124 -10.88 7.61 15.02
C ALA B 124 -12.25 8.26 15.12
N ALA B 125 -13.24 7.73 14.39
CA ALA B 125 -14.57 8.32 14.43
C ALA B 125 -15.32 7.95 15.71
N THR B 126 -15.13 6.73 16.21
CA THR B 126 -15.86 6.27 17.40
C THR B 126 -15.12 6.52 18.70
N GLY B 127 -13.79 6.65 18.65
CA GLY B 127 -13.02 6.73 19.87
C GLY B 127 -12.92 5.43 20.64
N ARG B 128 -13.28 4.30 20.03
CA ARG B 128 -13.26 3.00 20.68
C ARG B 128 -12.10 2.14 20.16
N GLU B 129 -11.76 1.12 20.94
CA GLU B 129 -10.51 0.39 20.81
C GLU B 129 -10.60 -0.85 19.93
N LEU B 130 -11.64 -1.65 20.11
CA LEU B 130 -11.65 -3.02 19.59
C LEU B 130 -12.29 -3.11 18.21
N VAL B 131 -11.81 -4.07 17.43
CA VAL B 131 -12.39 -4.37 16.12
C VAL B 131 -12.66 -5.88 16.07
N LEU B 132 -13.86 -6.25 15.65
CA LEU B 132 -14.21 -7.66 15.46
C LEU B 132 -14.12 -7.97 13.96
N SER B 133 -13.50 -9.11 13.64
CA SER B 133 -13.11 -9.40 12.27
C SER B 133 -13.48 -10.83 11.87
N SER B 134 -13.93 -10.98 10.62
CA SER B 134 -13.97 -12.28 9.94
C SER B 134 -13.44 -12.12 8.53
N GLY B 135 -12.60 -13.07 8.12
CA GLY B 135 -12.09 -13.11 6.75
C GLY B 135 -10.71 -12.49 6.61
N TYR B 136 -10.14 -12.68 5.43
CA TYR B 136 -8.85 -12.12 5.07
C TYR B 136 -9.02 -10.65 4.70
N HIS B 137 -8.17 -9.79 5.28
CA HIS B 137 -8.19 -8.36 4.98
C HIS B 137 -6.88 -7.83 4.44
N GLY B 138 -5.82 -8.61 4.44
CA GLY B 138 -4.54 -8.14 3.96
C GLY B 138 -3.40 -8.84 4.69
N TRP B 139 -2.18 -8.39 4.40
CA TRP B 139 -1.00 -9.13 4.83
C TRP B 139 -0.33 -8.58 6.09
N HIS B 140 -0.83 -7.51 6.68
CA HIS B 140 -0.32 -7.08 7.98
C HIS B 140 -0.66 -8.10 9.06
N GLU B 141 0.16 -8.13 10.10
CA GLU B 141 0.04 -9.16 11.12
C GLU B 141 -1.30 -9.10 11.83
N TRP B 142 -1.80 -7.89 12.10
CA TRP B 142 -3.08 -7.80 12.78
C TRP B 142 -4.22 -8.31 11.91
N GLN B 143 -4.10 -8.14 10.59
CA GLN B 143 -5.09 -8.70 9.66
C GLN B 143 -5.01 -10.22 9.64
N MET B 144 -3.81 -10.78 9.49
CA MET B 144 -3.70 -12.24 9.45
C MET B 144 -4.12 -12.89 10.75
N ALA B 145 -3.74 -12.33 11.90
CA ALA B 145 -4.17 -12.90 13.17
C ALA B 145 -5.69 -12.83 13.32
N GLY B 146 -6.31 -11.79 12.79
CA GLY B 146 -7.75 -11.67 12.92
C GLY B 146 -8.52 -12.71 12.13
N GLU B 147 -7.87 -13.42 11.20
CA GLU B 147 -8.52 -14.52 10.50
C GLU B 147 -8.77 -15.69 11.43
N GLU B 148 -8.03 -15.80 12.53
CA GLU B 148 -8.24 -16.84 13.52
C GLU B 148 -9.19 -16.35 14.61
N PHE B 149 -10.04 -17.25 15.08
CA PHE B 149 -10.92 -16.91 16.21
C PHE B 149 -10.09 -16.58 17.44
N GLY B 150 -10.42 -15.47 18.09
CA GLY B 150 -9.80 -15.11 19.35
C GLY B 150 -9.30 -13.69 19.36
N TYR B 151 -8.82 -13.27 20.53
CA TYR B 151 -8.48 -11.88 20.81
C TYR B 151 -6.97 -11.71 20.89
N GLN B 152 -6.46 -10.67 20.22
CA GLN B 152 -5.07 -10.27 20.34
C GLN B 152 -5.03 -8.88 20.96
N GLN B 153 -4.61 -8.79 22.22
CA GLN B 153 -4.64 -7.51 22.93
C GLN B 153 -3.67 -6.50 22.32
N SER B 154 -2.56 -6.95 21.74
CA SER B 154 -1.59 -6.04 21.16
CA SER B 154 -1.60 -6.02 21.18
C SER B 154 -2.13 -5.32 19.93
N THR B 155 -3.12 -5.89 19.24
CA THR B 155 -3.66 -5.27 18.05
C THR B 155 -5.08 -4.73 18.25
N GLY B 156 -5.75 -5.14 19.32
CA GLY B 156 -7.13 -4.73 19.52
C GLY B 156 -8.14 -5.42 18.63
N VAL B 157 -7.80 -6.59 18.07
CA VAL B 157 -8.67 -7.28 17.11
C VAL B 157 -9.15 -8.60 17.71
N VAL B 158 -10.45 -8.86 17.57
CA VAL B 158 -11.05 -10.13 17.96
C VAL B 158 -11.56 -10.79 16.69
N GLY B 159 -11.01 -11.96 16.35
CA GLY B 159 -11.56 -12.75 15.26
C GLY B 159 -12.77 -13.50 15.76
N PHE B 160 -13.87 -13.48 14.98
CA PHE B 160 -15.08 -14.18 15.39
C PHE B 160 -15.52 -15.29 14.44
N GLY B 161 -14.71 -15.62 13.43
CA GLY B 161 -14.91 -16.83 12.66
C GLY B 161 -16.26 -16.94 11.97
N TYR B 162 -16.84 -15.84 11.53
CA TYR B 162 -18.13 -15.81 10.85
C TYR B 162 -19.27 -16.33 11.72
N ASN B 163 -19.06 -16.44 13.03
CA ASN B 163 -19.99 -17.14 13.91
C ASN B 163 -20.98 -16.13 14.51
N GLU B 164 -22.27 -16.29 14.18
CA GLU B 164 -23.28 -15.33 14.63
C GLU B 164 -23.47 -15.39 16.15
N LYS B 165 -23.46 -16.60 16.72
CA LYS B 165 -23.58 -16.71 18.17
C LYS B 165 -22.45 -15.97 18.87
N ALA B 166 -21.23 -16.09 18.34
CA ALA B 166 -20.09 -15.39 18.92
C ALA B 166 -20.26 -13.88 18.79
N LEU B 167 -20.64 -13.40 17.60
CA LEU B 167 -20.75 -11.96 17.39
C LEU B 167 -21.76 -11.34 18.36
N ALA B 168 -22.92 -11.97 18.50
CA ALA B 168 -23.95 -11.44 19.39
C ALA B 168 -23.48 -11.44 20.83
N LYS B 169 -22.83 -12.53 21.26
CA LYS B 169 -22.32 -12.59 22.63
C LYS B 169 -21.22 -11.57 22.86
N MET B 170 -20.37 -11.31 21.85
CA MET B 170 -19.33 -10.31 22.07
C MET B 170 -19.91 -8.91 22.18
N LEU B 171 -20.87 -8.58 21.31
CA LEU B 171 -21.44 -7.24 21.35
C LEU B 171 -22.21 -6.99 22.64
N GLU B 172 -22.91 -8.00 23.13
CA GLU B 172 -23.60 -7.84 24.40
C GLU B 172 -22.61 -7.68 25.55
N ALA B 173 -21.47 -8.39 25.48
CA ALA B 173 -20.52 -8.38 26.60
C ALA B 173 -19.66 -7.11 26.61
N PHE B 174 -19.19 -6.66 25.45
CA PHE B 174 -18.24 -5.55 25.42
C PHE B 174 -18.45 -4.64 24.21
N GLY B 175 -19.67 -4.57 23.68
CA GLY B 175 -19.93 -3.80 22.48
C GLY B 175 -19.65 -2.32 22.61
N GLU B 176 -19.67 -1.78 23.83
CA GLU B 176 -19.34 -0.38 24.04
C GLU B 176 -17.88 -0.08 23.77
N GLN B 177 -17.04 -1.10 23.67
CA GLN B 177 -15.62 -0.95 23.36
C GLN B 177 -15.30 -1.23 21.91
N VAL B 178 -16.29 -1.48 21.06
CA VAL B 178 -16.07 -1.97 19.71
C VAL B 178 -16.22 -0.83 18.71
N ALA B 179 -15.11 -0.49 18.03
CA ALA B 179 -15.09 0.57 17.03
C ALA B 179 -15.70 0.12 15.72
N GLY B 180 -15.70 -1.17 15.44
CA GLY B 180 -16.20 -1.63 14.15
C GLY B 180 -16.14 -3.14 14.04
N VAL B 181 -16.96 -3.65 13.13
CA VAL B 181 -16.97 -5.05 12.75
C VAL B 181 -16.65 -5.06 11.26
N ILE B 182 -15.60 -5.78 10.87
CA ILE B 182 -15.15 -5.81 9.48
C ILE B 182 -15.15 -7.27 8.99
N VAL B 183 -15.85 -7.51 7.88
N VAL B 183 -15.91 -7.53 7.94
CA VAL B 183 -16.16 -8.85 7.43
CA VAL B 183 -16.09 -8.88 7.43
C VAL B 183 -15.96 -8.92 5.91
C VAL B 183 -15.90 -8.89 5.92
N SER B 184 -15.18 -9.91 5.44
CA SER B 184 -15.09 -10.20 4.02
C SER B 184 -16.21 -11.18 3.74
N PRO B 185 -17.24 -10.82 2.97
CA PRO B 185 -18.42 -11.70 2.91
C PRO B 185 -18.10 -12.99 2.17
N GLU B 186 -18.43 -14.11 2.80
CA GLU B 186 -18.22 -15.42 2.21
C GLU B 186 -19.63 -15.88 1.82
N VAL B 187 -19.87 -16.10 0.53
CA VAL B 187 -21.23 -16.33 0.05
C VAL B 187 -21.38 -17.68 -0.62
N LEU B 188 -20.53 -18.62 -0.25
CA LEU B 188 -20.75 -20.04 -0.55
C LEU B 188 -21.44 -20.73 0.61
N TYR B 189 -20.92 -20.52 1.82
CA TYR B 189 -21.46 -21.15 3.01
C TYR B 189 -22.57 -20.36 3.66
N PHE B 190 -22.77 -19.11 3.25
CA PHE B 190 -23.74 -18.23 3.88
C PHE B 190 -24.51 -17.51 2.79
N ASP B 191 -25.74 -17.13 3.10
CA ASP B 191 -26.56 -16.35 2.19
C ASP B 191 -26.54 -14.87 2.60
N LEU B 192 -27.22 -14.03 1.82
CA LEU B 192 -27.21 -12.60 2.10
C LEU B 192 -27.84 -12.29 3.45
N ASP B 193 -28.84 -13.06 3.86
CA ASP B 193 -29.50 -12.83 5.15
C ASP B 193 -28.53 -12.97 6.32
N HIS B 194 -27.53 -13.83 6.20
CA HIS B 194 -26.52 -13.93 7.25
C HIS B 194 -25.84 -12.58 7.46
N TYR B 195 -25.53 -11.86 6.38
CA TYR B 195 -24.87 -10.57 6.49
C TYR B 195 -25.84 -9.46 6.86
N ARG B 196 -27.09 -9.55 6.40
CA ARG B 196 -28.11 -8.62 6.86
C ARG B 196 -28.30 -8.72 8.38
N ARG B 197 -28.27 -9.94 8.92
CA ARG B 197 -28.39 -10.10 10.38
C ARG B 197 -27.17 -9.54 11.10
N MET B 198 -25.97 -9.75 10.56
CA MET B 198 -24.78 -9.16 11.16
C MET B 198 -24.90 -7.65 11.18
N SER B 199 -25.32 -7.07 10.06
CA SER B 199 -25.41 -5.62 9.94
C SER B 199 -26.44 -5.06 10.91
N ALA B 200 -27.64 -5.66 10.93
CA ALA B 200 -28.68 -5.18 11.84
C ALA B 200 -28.25 -5.32 13.29
N LEU B 201 -27.49 -6.38 13.59
CA LEU B 201 -27.05 -6.57 14.97
CA LEU B 201 -27.03 -6.58 14.96
C LEU B 201 -26.03 -5.50 15.36
N CYS B 202 -25.11 -5.16 14.45
CA CYS B 202 -24.16 -4.09 14.72
C CYS B 202 -24.89 -2.76 14.94
N ALA B 203 -25.91 -2.49 14.12
CA ALA B 203 -26.67 -1.26 14.26
C ALA B 203 -27.36 -1.18 15.62
N ARG B 204 -27.81 -2.32 16.15
CA ARG B 204 -28.49 -2.31 17.44
C ARG B 204 -27.56 -1.83 18.54
N TYR B 205 -26.26 -2.01 18.37
CA TYR B 205 -25.27 -1.61 19.36
C TYR B 205 -24.49 -0.36 18.96
N ASP B 206 -24.93 0.35 17.91
CA ASP B 206 -24.22 1.55 17.45
C ASP B 206 -22.75 1.25 17.13
N VAL B 207 -22.51 0.13 16.46
CA VAL B 207 -21.17 -0.28 16.03
C VAL B 207 -21.13 -0.24 14.51
N PRO B 208 -20.21 0.50 13.89
CA PRO B 208 -20.11 0.50 12.43
C PRO B 208 -19.88 -0.91 11.87
N PHE B 209 -20.63 -1.24 10.82
CA PHE B 209 -20.47 -2.50 10.11
C PHE B 209 -19.77 -2.23 8.79
N MET B 210 -18.68 -2.95 8.54
CA MET B 210 -17.81 -2.64 7.43
C MET B 210 -17.63 -3.90 6.58
N LEU B 211 -17.96 -3.80 5.31
CA LEU B 211 -17.81 -4.92 4.39
C LEU B 211 -16.48 -4.78 3.66
N ASP B 212 -15.61 -5.76 3.84
CA ASP B 212 -14.37 -5.82 3.07
C ASP B 212 -14.71 -6.52 1.75
N GLU B 213 -14.97 -5.71 0.73
CA GLU B 213 -15.26 -6.14 -0.63
C GLU B 213 -14.10 -6.02 -1.59
N VAL B 214 -12.88 -6.09 -1.06
CA VAL B 214 -11.73 -6.03 -1.94
C VAL B 214 -11.80 -7.14 -2.98
N TYR B 215 -12.27 -8.32 -2.56
CA TYR B 215 -12.39 -9.44 -3.50
C TYR B 215 -13.78 -9.54 -4.11
N THR B 216 -14.84 -9.40 -3.31
CA THR B 216 -16.20 -9.67 -3.77
C THR B 216 -16.84 -8.49 -4.50
N GLY B 217 -16.22 -7.31 -4.48
CA GLY B 217 -16.91 -6.09 -4.85
C GLY B 217 -17.49 -6.06 -6.25
N PHE B 218 -16.83 -6.72 -7.21
CA PHE B 218 -17.37 -6.77 -8.56
C PHE B 218 -17.70 -8.18 -9.01
N ARG B 219 -17.66 -9.14 -8.09
CA ARG B 219 -17.86 -10.54 -8.44
C ARG B 219 -19.04 -11.21 -7.74
N ALA B 220 -19.47 -10.75 -6.57
CA ALA B 220 -20.75 -11.21 -6.05
C ALA B 220 -21.92 -10.61 -6.84
N GLY B 221 -21.69 -9.45 -7.44
CA GLY B 221 -22.67 -8.72 -8.21
C GLY B 221 -21.98 -7.46 -8.73
N PRO B 222 -22.63 -6.70 -9.60
CA PRO B 222 -21.98 -5.51 -10.17
C PRO B 222 -21.79 -4.39 -9.17
N LYS B 223 -22.50 -4.44 -8.04
CA LYS B 223 -22.32 -3.53 -6.92
C LYS B 223 -21.95 -4.29 -5.65
N GLY B 224 -21.38 -5.48 -5.81
CA GLY B 224 -20.93 -6.27 -4.69
C GLY B 224 -22.07 -6.82 -3.85
N VAL B 225 -21.66 -7.42 -2.74
CA VAL B 225 -22.61 -7.89 -1.73
C VAL B 225 -23.44 -6.73 -1.19
N HIS B 226 -22.80 -5.58 -0.94
CA HIS B 226 -23.54 -4.40 -0.48
C HIS B 226 -24.70 -4.09 -1.43
N GLY B 227 -24.42 -4.05 -2.74
CA GLY B 227 -25.45 -3.70 -3.70
C GLY B 227 -26.52 -4.76 -3.85
N LEU B 228 -26.25 -5.99 -3.42
CA LEU B 228 -27.30 -7.02 -3.39
C LEU B 228 -28.27 -6.82 -2.25
N GLY B 229 -28.04 -5.83 -1.39
CA GLY B 229 -28.99 -5.47 -0.35
C GLY B 229 -28.52 -5.75 1.06
N VAL B 230 -27.23 -5.54 1.35
CA VAL B 230 -26.69 -5.69 2.69
C VAL B 230 -26.26 -4.30 3.18
N PRO B 231 -26.97 -3.70 4.13
CA PRO B 231 -26.58 -2.37 4.62
C PRO B 231 -25.21 -2.39 5.28
N ALA B 232 -24.48 -1.29 5.12
CA ALA B 232 -23.17 -1.19 5.73
C ALA B 232 -22.83 0.28 5.96
N ASP B 233 -21.93 0.52 6.90
CA ASP B 233 -21.44 1.86 7.17
C ASP B 233 -20.15 2.18 6.41
N VAL B 234 -19.40 1.15 6.02
CA VAL B 234 -18.20 1.29 5.21
C VAL B 234 -18.12 0.08 4.30
N VAL B 235 -17.70 0.30 3.05
CA VAL B 235 -17.36 -0.76 2.12
C VAL B 235 -15.99 -0.44 1.56
N VAL B 236 -15.11 -1.44 1.53
CA VAL B 236 -13.79 -1.31 0.92
C VAL B 236 -13.81 -2.07 -0.41
N LEU B 237 -13.38 -1.41 -1.48
CA LEU B 237 -13.24 -2.03 -2.79
C LEU B 237 -11.78 -2.01 -3.19
N GLY B 238 -11.42 -2.92 -4.10
CA GLY B 238 -10.07 -2.99 -4.60
C GLY B 238 -9.93 -3.78 -5.89
N LYS B 239 -10.02 -5.11 -5.79
CA LYS B 239 -9.81 -5.94 -6.97
C LYS B 239 -10.88 -5.66 -8.00
N GLY B 240 -10.46 -5.38 -9.24
CA GLY B 240 -11.37 -5.07 -10.32
C GLY B 240 -11.68 -3.60 -10.51
N LEU B 241 -11.48 -2.78 -9.47
CA LEU B 241 -11.94 -1.39 -9.49
C LEU B 241 -11.37 -0.62 -10.67
N ALA B 242 -10.08 -0.80 -10.96
CA ALA B 242 -9.45 -0.17 -12.12
C ALA B 242 -8.96 -1.22 -13.12
N ASN B 243 -9.61 -2.39 -13.13
CA ASN B 243 -9.36 -3.45 -14.09
C ASN B 243 -7.90 -3.83 -14.24
N GLY B 244 -7.19 -3.92 -13.12
CA GLY B 244 -5.81 -4.36 -13.10
C GLY B 244 -4.85 -3.27 -12.68
N HIS B 245 -5.19 -2.01 -12.92
CA HIS B 245 -4.39 -0.94 -12.36
C HIS B 245 -4.68 -0.86 -10.86
N SER B 246 -3.67 -0.44 -10.11
N SER B 246 -3.65 -0.49 -10.10
CA SER B 246 -3.74 -0.49 -8.65
CA SER B 246 -3.76 -0.51 -8.65
C SER B 246 -4.60 0.65 -8.12
C SER B 246 -4.63 0.65 -8.17
N LEU B 247 -5.75 0.32 -7.53
CA LEU B 247 -6.62 1.31 -6.91
C LEU B 247 -7.52 0.61 -5.91
N ALA B 248 -7.68 1.22 -4.75
CA ALA B 248 -8.60 0.75 -3.74
C ALA B 248 -9.43 1.93 -3.26
N ALA B 249 -10.61 1.64 -2.72
CA ALA B 249 -11.51 2.70 -2.26
C ALA B 249 -12.12 2.33 -0.93
N VAL B 250 -12.27 3.34 -0.08
CA VAL B 250 -12.99 3.21 1.18
C VAL B 250 -14.16 4.19 1.10
N MET B 251 -15.37 3.66 1.01
CA MET B 251 -16.57 4.48 0.93
C MET B 251 -17.47 4.23 2.13
N GLY B 252 -18.14 5.27 2.61
CA GLY B 252 -19.03 5.03 3.72
C GLY B 252 -19.62 6.30 4.31
N ARG B 253 -20.07 6.14 5.55
CA ARG B 253 -20.76 7.17 6.29
C ARG B 253 -19.88 8.41 6.43
N ARG B 254 -20.52 9.58 6.32
CA ARG B 254 -19.77 10.82 6.22
C ARG B 254 -18.86 11.03 7.41
N ASP B 255 -19.36 10.77 8.62
CA ASP B 255 -18.56 11.03 9.82
C ASP B 255 -17.37 10.08 9.93
N ILE B 256 -17.48 8.86 9.39
CA ILE B 256 -16.34 7.94 9.42
C ILE B 256 -15.26 8.40 8.45
N ILE B 257 -15.64 8.72 7.21
CA ILE B 257 -14.66 9.18 6.24
C ILE B 257 -14.06 10.50 6.69
N ASP B 258 -14.86 11.36 7.30
CA ASP B 258 -14.37 12.66 7.74
C ASP B 258 -13.42 12.57 8.93
N ALA B 259 -13.19 11.38 9.47
CA ALA B 259 -12.13 11.21 10.47
C ALA B 259 -10.74 11.16 9.84
N TYR B 260 -10.64 11.36 8.53
CA TYR B 260 -9.34 11.30 7.85
C TYR B 260 -8.32 12.23 8.48
N ASP B 261 -8.69 13.51 8.67
CA ASP B 261 -7.72 14.48 9.19
C ASP B 261 -7.21 14.08 10.57
N VAL B 262 -8.10 13.70 11.48
CA VAL B 262 -7.63 13.42 12.84
C VAL B 262 -6.88 12.09 12.89
N SER B 263 -7.06 11.23 11.89
CA SER B 263 -6.46 9.91 11.89
C SER B 263 -4.97 9.95 11.58
N GLY B 264 -4.51 10.89 10.77
CA GLY B 264 -3.13 10.90 10.32
C GLY B 264 -2.84 10.03 9.11
N ILE B 265 -3.87 9.47 8.48
CA ILE B 265 -3.70 8.71 7.25
C ILE B 265 -3.15 9.63 6.16
N GLN B 266 -2.44 9.03 5.22
CA GLN B 266 -1.74 9.79 4.19
C GLN B 266 -1.09 8.85 3.19
N GLY B 267 -0.17 9.33 2.39
CA GLY B 267 0.33 8.46 1.34
C GLY B 267 0.54 9.21 0.05
N THR B 268 1.79 9.16 -0.43
CA THR B 268 2.19 9.96 -1.58
C THR B 268 1.35 9.63 -2.80
N TYR B 269 1.05 8.35 -3.03
CA TYR B 269 0.48 7.94 -4.30
C TYR B 269 -1.03 7.80 -4.26
N THR B 270 -1.70 8.13 -3.15
CA THR B 270 -3.16 8.04 -3.13
C THR B 270 -3.82 9.02 -4.08
N ARG B 271 -3.12 10.08 -4.46
CA ARG B 271 -3.63 11.08 -5.41
C ARG B 271 -3.42 10.69 -6.87
N GLU B 272 -2.75 9.57 -7.15
CA GLU B 272 -2.43 9.16 -8.51
C GLU B 272 -3.66 9.12 -9.41
N VAL B 273 -3.62 9.85 -10.52
CA VAL B 273 -4.83 10.13 -11.31
C VAL B 273 -5.22 9.06 -12.33
N PRO B 274 -4.29 8.49 -13.11
CA PRO B 274 -4.71 7.55 -14.18
C PRO B 274 -5.57 6.40 -13.70
N PRO B 275 -5.28 5.75 -12.56
CA PRO B 275 -6.20 4.66 -12.13
C PRO B 275 -7.61 5.14 -11.86
N MET B 276 -7.77 6.41 -11.47
CA MET B 276 -9.11 6.96 -11.24
C MET B 276 -9.86 7.12 -12.56
N ALA B 277 -9.17 7.56 -13.61
CA ALA B 277 -9.77 7.58 -14.95
C ALA B 277 -10.16 6.17 -15.39
N ALA B 278 -9.30 5.19 -15.11
CA ALA B 278 -9.60 3.80 -15.44
C ALA B 278 -10.87 3.31 -14.73
N ALA B 279 -11.01 3.63 -13.44
CA ALA B 279 -12.16 3.16 -12.67
C ALA B 279 -13.46 3.76 -13.19
N LEU B 280 -13.44 5.04 -13.58
CA LEU B 280 -14.61 5.64 -14.21
C LEU B 280 -15.02 4.85 -15.45
N ALA B 281 -14.05 4.43 -16.25
CA ALA B 281 -14.37 3.64 -17.43
C ALA B 281 -14.89 2.27 -17.07
N VAL B 282 -14.39 1.67 -15.98
CA VAL B 282 -14.88 0.36 -15.54
C VAL B 282 -16.36 0.45 -15.20
N PHE B 283 -16.76 1.48 -14.44
CA PHE B 283 -18.15 1.62 -14.05
C PHE B 283 -19.04 1.79 -15.27
N GLU B 284 -18.54 2.51 -16.28
CA GLU B 284 -19.32 2.68 -17.50
C GLU B 284 -19.58 1.34 -18.19
N VAL B 285 -18.59 0.44 -18.19
CA VAL B 285 -18.80 -0.87 -18.79
C VAL B 285 -19.79 -1.69 -17.96
N LEU B 286 -19.58 -1.73 -16.65
CA LEU B 286 -20.43 -2.55 -15.78
C LEU B 286 -21.88 -2.14 -15.86
N ASP B 287 -22.13 -0.87 -16.18
CA ASP B 287 -23.48 -0.32 -16.18
C ASP B 287 -24.09 -0.36 -17.58
N THR B 288 -23.38 -0.96 -18.56
CA THR B 288 -23.91 -1.08 -19.93
C THR B 288 -24.90 -2.24 -19.98
N PRO B 289 -26.11 -2.03 -20.51
CA PRO B 289 -27.14 -3.09 -20.44
C PRO B 289 -26.66 -4.42 -21.01
N GLY B 290 -26.81 -5.47 -20.21
CA GLY B 290 -26.51 -6.82 -20.63
C GLY B 290 -25.08 -7.28 -20.38
N VAL B 291 -24.14 -6.38 -20.10
CA VAL B 291 -22.73 -6.78 -20.06
C VAL B 291 -22.44 -7.67 -18.86
N TYR B 292 -22.87 -7.23 -17.68
CA TYR B 292 -22.60 -8.04 -16.48
C TYR B 292 -23.34 -9.36 -16.55
N GLU B 293 -24.57 -9.34 -17.08
CA GLU B 293 -25.36 -10.56 -17.18
C GLU B 293 -24.69 -11.57 -18.12
N HIS B 294 -24.09 -11.10 -19.20
CA HIS B 294 -23.37 -12.02 -20.08
C HIS B 294 -22.17 -12.65 -19.37
N ALA B 295 -21.43 -11.84 -18.60
CA ALA B 295 -20.33 -12.40 -17.83
C ALA B 295 -20.81 -13.50 -16.89
N GLU B 296 -21.92 -13.26 -16.17
CA GLU B 296 -22.44 -14.28 -15.27
C GLU B 296 -22.87 -15.51 -16.04
N ALA B 297 -23.47 -15.34 -17.23
CA ALA B 297 -23.82 -16.48 -18.04
C ALA B 297 -22.59 -17.32 -18.37
N MET B 298 -21.46 -16.68 -18.63
CA MET B 298 -20.27 -17.44 -18.96
C MET B 298 -19.75 -18.15 -17.70
N GLY B 299 -19.84 -17.47 -16.55
CA GLY B 299 -19.47 -18.12 -15.29
C GLY B 299 -20.33 -19.34 -15.00
N ARG B 300 -21.65 -19.25 -15.23
CA ARG B 300 -22.53 -20.40 -15.02
C ARG B 300 -22.21 -21.53 -15.99
N ARG B 301 -21.89 -21.19 -17.24
CA ARG B 301 -21.52 -22.22 -18.20
C ARG B 301 -20.28 -22.98 -17.75
N LEU B 302 -19.28 -22.26 -17.22
CA LEU B 302 -18.08 -22.91 -16.72
C LEU B 302 -18.39 -23.73 -15.47
N ALA B 303 -19.12 -23.14 -14.50
CA ALA B 303 -19.41 -23.84 -13.26
C ALA B 303 -20.21 -25.10 -13.53
N ASP B 304 -21.23 -25.00 -14.38
CA ASP B 304 -22.07 -26.16 -14.67
C ASP B 304 -21.24 -27.25 -15.33
N GLY B 305 -20.34 -26.87 -16.24
CA GLY B 305 -19.55 -27.88 -16.93
C GLY B 305 -18.53 -28.54 -16.03
N MET B 306 -17.96 -27.77 -15.12
CA MET B 306 -16.97 -28.30 -14.18
C MET B 306 -17.65 -29.27 -13.21
N ARG B 307 -18.84 -28.88 -12.72
CA ARG B 307 -19.62 -29.78 -11.86
C ARG B 307 -19.97 -31.08 -12.59
N GLU B 308 -20.38 -30.97 -13.86
CA GLU B 308 -20.72 -32.18 -14.62
C GLU B 308 -19.51 -33.09 -14.80
N ILE B 309 -18.35 -32.50 -15.06
CA ILE B 309 -17.14 -33.29 -15.26
C ILE B 309 -16.78 -34.06 -13.99
N LEU B 310 -16.82 -33.39 -12.84
CA LEU B 310 -16.46 -34.06 -11.60
C LEU B 310 -17.47 -35.14 -11.24
N THR B 311 -18.77 -34.84 -11.37
CA THR B 311 -19.78 -35.83 -11.04
C THR B 311 -19.72 -37.03 -11.98
N GLY B 312 -19.38 -36.80 -13.26
CA GLY B 312 -19.27 -37.91 -14.20
C GLY B 312 -18.10 -38.83 -13.89
N GLU B 313 -17.06 -38.32 -13.23
CA GLU B 313 -15.97 -39.15 -12.75
C GLU B 313 -16.30 -39.81 -11.41
N GLY B 314 -17.50 -39.58 -10.88
CA GLY B 314 -17.84 -40.12 -9.58
C GLY B 314 -17.14 -39.46 -8.41
N ILE B 315 -16.59 -38.25 -8.62
CA ILE B 315 -15.83 -37.57 -7.58
C ILE B 315 -16.82 -36.74 -6.75
N PRO B 316 -16.87 -36.92 -5.43
CA PRO B 316 -17.68 -36.04 -4.58
C PRO B 316 -17.24 -34.59 -4.74
N ASN B 317 -18.21 -33.69 -4.89
CA ASN B 317 -17.85 -32.31 -5.19
C ASN B 317 -18.99 -31.39 -4.80
N TRP B 318 -18.65 -30.11 -4.61
CA TRP B 318 -19.63 -29.05 -4.45
C TRP B 318 -19.13 -27.85 -5.23
N VAL B 319 -19.91 -27.44 -6.22
CA VAL B 319 -19.60 -26.26 -7.04
C VAL B 319 -20.69 -25.25 -6.76
N GLY B 320 -20.32 -24.12 -6.18
CA GLY B 320 -21.34 -23.16 -5.79
C GLY B 320 -20.77 -21.77 -5.59
N GLY B 321 -21.66 -20.84 -5.23
CA GLY B 321 -21.29 -19.45 -5.09
C GLY B 321 -21.69 -18.62 -6.30
N PRO B 322 -21.40 -17.33 -6.28
CA PRO B 322 -21.78 -16.47 -7.42
C PRO B 322 -21.06 -16.88 -8.70
N ALA B 323 -21.73 -16.61 -9.83
CA ALA B 323 -21.18 -17.02 -11.13
C ALA B 323 -19.78 -16.48 -11.39
N LEU B 324 -19.49 -15.25 -10.93
CA LEU B 324 -18.18 -14.64 -11.16
C LEU B 324 -17.16 -14.92 -10.04
N MET B 325 -17.47 -15.83 -9.13
CA MET B 325 -16.54 -16.18 -8.05
C MET B 325 -16.99 -17.48 -7.41
N PHE B 326 -17.08 -18.53 -8.21
CA PHE B 326 -17.63 -19.79 -7.72
C PHE B 326 -16.50 -20.69 -7.22
N ASP B 327 -16.79 -21.44 -6.15
CA ASP B 327 -15.85 -22.37 -5.57
C ASP B 327 -16.08 -23.79 -6.07
N VAL B 328 -14.99 -24.51 -6.25
CA VAL B 328 -15.00 -25.93 -6.59
C VAL B 328 -14.42 -26.63 -5.36
N VAL B 329 -15.29 -27.23 -4.55
CA VAL B 329 -14.87 -27.87 -3.29
C VAL B 329 -14.77 -29.37 -3.55
N LEU B 330 -13.64 -29.95 -3.19
CA LEU B 330 -13.32 -31.33 -3.49
C LEU B 330 -13.10 -32.11 -2.20
N PRO B 331 -13.00 -33.45 -2.25
CA PRO B 331 -12.89 -34.24 -1.00
C PRO B 331 -11.59 -34.04 -0.25
N ASN B 332 -10.54 -33.54 -0.91
CA ASN B 332 -9.26 -33.38 -0.26
C ASN B 332 -8.51 -32.26 -0.98
N ASP B 333 -7.37 -31.87 -0.41
CA ASP B 333 -6.61 -30.73 -0.87
C ASP B 333 -5.50 -31.10 -1.84
N ASP B 334 -5.48 -32.35 -2.31
CA ASP B 334 -4.49 -32.79 -3.28
C ASP B 334 -5.07 -32.92 -4.69
N LEU B 335 -6.33 -33.32 -4.78
CA LEU B 335 -6.93 -33.59 -6.09
C LEU B 335 -6.97 -32.33 -6.94
N GLY B 336 -7.44 -31.22 -6.37
CA GLY B 336 -7.56 -30.01 -7.14
C GLY B 336 -6.24 -29.53 -7.72
N TRP B 337 -5.20 -29.52 -6.88
CA TRP B 337 -3.90 -29.05 -7.35
CA TRP B 337 -3.92 -29.04 -7.37
C TRP B 337 -3.39 -29.90 -8.51
N GLU B 338 -3.58 -31.23 -8.43
CA GLU B 338 -3.11 -32.10 -9.51
C GLU B 338 -3.87 -31.82 -10.80
N ILE B 339 -5.19 -31.64 -10.72
CA ILE B 339 -5.97 -31.37 -11.93
C ILE B 339 -5.55 -30.05 -12.54
N TYR B 340 -5.45 -29.00 -11.71
CA TYR B 340 -5.15 -27.68 -12.24
C TYR B 340 -3.74 -27.61 -12.79
N LYS B 341 -2.78 -28.25 -12.12
CA LYS B 341 -1.42 -28.35 -12.67
C LYS B 341 -1.45 -29.01 -14.05
N THR B 342 -2.22 -30.09 -14.19
CA THR B 342 -2.27 -30.80 -15.45
C THR B 342 -2.97 -29.98 -16.54
N ALA B 343 -4.00 -29.21 -16.15
CA ALA B 343 -4.73 -28.42 -17.14
C ALA B 343 -3.88 -27.32 -17.76
N HIS B 344 -2.82 -26.88 -17.07
CA HIS B 344 -1.88 -25.95 -17.69
C HIS B 344 -1.32 -26.51 -18.98
N ASP B 345 -1.13 -27.84 -19.06
CA ASP B 345 -0.65 -28.47 -20.28
C ASP B 345 -1.65 -28.35 -21.42
N PHE B 346 -2.91 -28.08 -21.11
CA PHE B 346 -3.95 -27.95 -22.13
C PHE B 346 -4.42 -26.51 -22.30
N GLY B 347 -3.59 -25.54 -21.95
CA GLY B 347 -3.87 -24.18 -22.32
C GLY B 347 -4.82 -23.41 -21.42
N VAL B 348 -4.84 -23.69 -20.11
N VAL B 348 -4.81 -23.66 -20.11
CA VAL B 348 -5.69 -22.96 -19.17
CA VAL B 348 -5.64 -22.90 -19.19
C VAL B 348 -4.91 -22.67 -17.90
C VAL B 348 -4.87 -22.63 -17.91
N TYR B 349 -5.15 -21.49 -17.30
CA TYR B 349 -4.68 -21.14 -15.96
C TYR B 349 -5.92 -21.20 -15.07
N PHE B 350 -6.19 -22.35 -14.48
CA PHE B 350 -7.24 -22.38 -13.46
C PHE B 350 -6.72 -21.73 -12.18
N GLU B 351 -7.64 -21.25 -11.35
CA GLU B 351 -7.25 -20.74 -10.04
C GLU B 351 -7.05 -21.92 -9.10
N ASP B 352 -5.83 -22.11 -8.62
CA ASP B 352 -5.57 -23.35 -7.89
C ASP B 352 -6.12 -23.35 -6.48
N SER B 353 -6.55 -22.20 -5.96
CA SER B 353 -7.26 -22.18 -4.69
C SER B 353 -8.71 -22.61 -4.82
N GLY B 354 -9.20 -22.81 -6.05
CA GLY B 354 -10.50 -23.39 -6.28
C GLY B 354 -11.60 -22.42 -6.64
N THR B 355 -11.38 -21.11 -6.54
CA THR B 355 -12.40 -20.12 -6.91
C THR B 355 -12.11 -19.62 -8.32
N GLN B 356 -12.93 -20.03 -9.28
CA GLN B 356 -12.67 -19.68 -10.68
C GLN B 356 -13.32 -18.36 -11.03
N LEU B 357 -12.58 -17.52 -11.76
CA LEU B 357 -12.94 -16.13 -12.03
C LEU B 357 -13.01 -15.86 -13.54
N VAL B 358 -14.20 -15.91 -14.12
CA VAL B 358 -14.31 -15.45 -15.52
C VAL B 358 -14.29 -13.93 -15.56
N THR B 359 -14.10 -13.36 -16.75
CA THR B 359 -14.17 -11.92 -16.94
C THR B 359 -15.18 -11.61 -18.03
N ALA B 360 -15.51 -10.32 -18.16
CA ALA B 360 -16.52 -9.90 -19.12
C ALA B 360 -16.11 -10.19 -20.57
N ALA B 361 -14.81 -10.37 -20.82
CA ALA B 361 -14.37 -10.63 -22.19
C ALA B 361 -14.59 -12.09 -22.61
N PHE B 362 -14.97 -12.96 -21.69
CA PHE B 362 -15.15 -14.36 -22.03
C PHE B 362 -16.30 -14.55 -23.03
N ASP B 363 -16.12 -15.50 -23.92
CA ASP B 363 -17.20 -15.97 -24.76
C ASP B 363 -17.32 -17.47 -24.59
N GLU B 364 -18.30 -18.07 -25.29
CA GLU B 364 -18.53 -19.49 -25.14
C GLU B 364 -17.30 -20.29 -25.54
N ALA B 365 -16.58 -19.85 -26.58
CA ALA B 365 -15.39 -20.56 -27.02
C ALA B 365 -14.32 -20.60 -25.93
N ALA B 366 -14.11 -19.49 -25.22
CA ALA B 366 -13.14 -19.49 -24.12
C ALA B 366 -13.56 -20.42 -23.00
N VAL B 367 -14.84 -20.37 -22.62
CA VAL B 367 -15.34 -21.28 -21.58
C VAL B 367 -15.15 -22.73 -22.01
N ASP B 368 -15.51 -23.04 -23.26
CA ASP B 368 -15.47 -24.42 -23.69
C ASP B 368 -14.05 -24.94 -23.85
N HIS B 369 -13.10 -24.06 -24.20
CA HIS B 369 -11.69 -24.43 -24.18
C HIS B 369 -11.26 -24.81 -22.76
N ALA B 370 -11.69 -24.04 -21.76
CA ALA B 370 -11.36 -24.38 -20.38
C ALA B 370 -12.02 -25.68 -19.95
N LEU B 371 -13.26 -25.93 -20.39
CA LEU B 371 -13.94 -27.17 -20.01
C LEU B 371 -13.27 -28.38 -20.65
N THR B 372 -12.82 -28.25 -21.91
CA THR B 372 -12.08 -29.34 -22.54
C THR B 372 -10.83 -29.68 -21.76
N ALA B 373 -10.08 -28.66 -21.34
CA ALA B 373 -8.87 -28.90 -20.56
C ALA B 373 -9.20 -29.55 -19.23
N PHE B 374 -10.26 -29.08 -18.57
CA PHE B 374 -10.63 -29.64 -17.27
C PHE B 374 -11.05 -31.10 -17.40
N ARG B 375 -11.83 -31.42 -18.43
CA ARG B 375 -12.25 -32.82 -18.62
C ARG B 375 -11.03 -33.71 -18.87
N LYS B 376 -10.12 -33.26 -19.75
CA LYS B 376 -8.95 -34.05 -20.09
CA LYS B 376 -8.96 -34.07 -20.09
C LYS B 376 -8.00 -34.18 -18.91
N ALA B 377 -7.81 -33.09 -18.17
CA ALA B 377 -6.91 -33.11 -17.01
C ALA B 377 -7.45 -34.01 -15.91
N THR B 378 -8.76 -33.91 -15.62
CA THR B 378 -9.34 -34.75 -14.57
C THR B 378 -9.21 -36.21 -14.96
N ARG B 379 -9.49 -36.53 -16.23
CA ARG B 379 -9.38 -37.89 -16.72
C ARG B 379 -7.97 -38.43 -16.56
N GLN B 380 -6.96 -37.63 -16.96
CA GLN B 380 -5.57 -38.07 -16.86
C GLN B 380 -5.14 -38.29 -15.41
N VAL B 381 -5.51 -37.36 -14.53
CA VAL B 381 -5.10 -37.47 -13.13
C VAL B 381 -5.68 -38.74 -12.51
N VAL B 382 -6.95 -39.02 -12.76
CA VAL B 382 -7.57 -40.22 -12.18
C VAL B 382 -6.98 -41.48 -12.80
N ALA B 383 -6.73 -41.46 -14.11
CA ALA B 383 -6.13 -42.62 -14.76
C ALA B 383 -4.75 -42.94 -14.18
N ASP B 384 -3.97 -41.90 -13.87
CA ASP B 384 -2.61 -42.11 -13.38
C ASP B 384 -2.56 -42.38 -11.88
N ARG B 385 -3.48 -41.80 -11.12
CA ARG B 385 -3.52 -41.92 -9.66
C ARG B 385 -4.95 -42.27 -9.23
N PRO B 386 -5.36 -43.53 -9.39
CA PRO B 386 -6.76 -43.87 -9.09
C PRO B 386 -7.15 -43.65 -7.63
N ASP B 387 -6.20 -43.60 -6.71
CA ASP B 387 -6.54 -43.39 -5.31
C ASP B 387 -6.49 -41.92 -4.89
N ILE B 388 -6.41 -40.99 -5.85
CA ILE B 388 -6.25 -39.59 -5.48
C ILE B 388 -7.50 -39.02 -4.85
N ALA B 389 -8.65 -39.60 -5.15
CA ALA B 389 -9.91 -39.15 -4.55
C ALA B 389 -10.92 -40.26 -4.72
N PRO B 390 -11.99 -40.26 -3.92
CA PRO B 390 -13.05 -41.22 -4.15
C PRO B 390 -13.65 -41.04 -5.53
N THR B 391 -14.01 -42.16 -6.15
CA THR B 391 -14.67 -42.13 -7.45
C THR B 391 -15.95 -42.95 -7.41
N SER B 392 -16.52 -43.14 -6.23
CA SER B 392 -17.67 -44.02 -6.06
C SER B 392 -19.02 -43.35 -6.35
N GLY B 393 -19.04 -42.07 -6.67
CA GLY B 393 -20.28 -41.38 -6.93
C GLY B 393 -20.94 -40.79 -5.71
N GLY B 394 -20.27 -40.78 -4.56
CA GLY B 394 -20.84 -40.22 -3.35
C GLY B 394 -20.86 -38.71 -3.35
N GLU B 395 -21.42 -38.17 -2.29
CA GLU B 395 -21.42 -36.72 -2.05
C GLU B 395 -20.33 -36.34 -1.05
N LEU B 396 -19.93 -35.07 -1.09
CA LEU B 396 -19.05 -34.55 -0.05
C LEU B 396 -19.71 -34.75 1.30
N THR B 397 -18.92 -35.18 2.27
CA THR B 397 -19.45 -35.38 3.60
C THR B 397 -19.65 -34.03 4.30
N GLU B 398 -20.59 -34.01 5.24
CA GLU B 398 -20.77 -32.79 6.02
C GLU B 398 -19.51 -32.45 6.81
N GLU B 399 -18.76 -33.48 7.23
CA GLU B 399 -17.51 -33.26 7.95
CA GLU B 399 -17.51 -33.24 7.95
C GLU B 399 -16.49 -32.53 7.09
N ARG B 400 -16.36 -32.93 5.82
CA ARG B 400 -15.43 -32.25 4.93
C ARG B 400 -15.86 -30.81 4.71
N LYS B 401 -17.16 -30.57 4.53
CA LYS B 401 -17.63 -29.19 4.33
C LYS B 401 -17.32 -28.33 5.54
N LEU B 402 -17.57 -28.83 6.75
CA LEU B 402 -17.30 -28.03 7.94
C LEU B 402 -15.81 -27.82 8.14
N ASP B 403 -15.01 -28.86 7.90
CA ASP B 403 -13.57 -28.72 8.05
C ASP B 403 -13.00 -27.75 7.02
N PHE B 404 -13.48 -27.83 5.78
CA PHE B 404 -13.01 -26.92 4.75
C PHE B 404 -13.30 -25.47 5.11
N ALA B 405 -14.50 -25.20 5.66
CA ALA B 405 -14.81 -23.82 6.02
C ALA B 405 -13.82 -23.28 7.04
N GLU B 406 -13.45 -24.09 8.03
CA GLU B 406 -12.54 -23.62 9.06
C GLU B 406 -11.14 -23.43 8.50
N GLU B 407 -10.67 -24.35 7.66
CA GLU B 407 -9.33 -24.23 7.11
CA GLU B 407 -9.33 -24.23 7.11
C GLU B 407 -9.25 -23.14 6.05
N ALA B 408 -10.29 -22.98 5.23
CA ALA B 408 -10.22 -22.05 4.11
C ALA B 408 -10.34 -20.59 4.56
N PHE B 409 -11.30 -20.28 5.42
CA PHE B 409 -11.54 -18.88 5.78
C PHE B 409 -11.77 -18.70 7.28
N GLY B 410 -11.46 -19.69 8.10
CA GLY B 410 -11.61 -19.53 9.53
C GLY B 410 -13.04 -19.60 10.02
N GLY B 411 -13.96 -20.14 9.22
CA GLY B 411 -15.35 -20.17 9.63
C GLY B 411 -15.57 -21.27 10.64
N LEU B 412 -16.12 -20.91 11.79
CA LEU B 412 -16.48 -21.87 12.85
C LEU B 412 -17.98 -22.09 12.77
N LEU B 413 -18.38 -23.12 12.03
CA LEU B 413 -19.77 -23.35 11.67
C LEU B 413 -20.44 -24.41 12.54
N ARG B 414 -19.71 -25.02 13.46
CA ARG B 414 -20.28 -26.05 14.30
C ARG B 414 -20.79 -25.43 15.59
N ASP B 415 -21.85 -26.03 16.15
CA ASP B 415 -22.30 -25.73 17.49
C ASP B 415 -21.95 -26.93 18.37
N ASP B 416 -20.67 -27.13 18.57
CA ASP B 416 -20.20 -28.23 19.41
C ASP B 416 -19.53 -27.70 20.67
N GLU B 417 -19.05 -28.64 21.48
CA GLU B 417 -18.43 -28.27 22.74
C GLU B 417 -17.20 -27.41 22.51
N ARG B 418 -16.39 -27.75 21.50
CA ARG B 418 -15.15 -27.01 21.27
C ARG B 418 -15.45 -25.56 20.88
N THR B 419 -16.39 -25.35 19.96
CA THR B 419 -16.68 -24.00 19.52
C THR B 419 -17.31 -23.18 20.63
N ASN B 420 -18.22 -23.81 21.40
CA ASN B 420 -18.86 -23.10 22.50
C ASN B 420 -17.84 -22.70 23.56
N ALA B 421 -16.90 -23.59 23.87
CA ALA B 421 -15.88 -23.27 24.87
C ALA B 421 -14.97 -22.17 24.37
N LEU B 422 -14.65 -22.17 23.07
CA LEU B 422 -13.80 -21.14 22.51
C LEU B 422 -14.46 -19.76 22.57
N ILE B 423 -15.76 -19.70 22.31
CA ILE B 423 -16.48 -18.44 22.43
C ILE B 423 -16.39 -17.91 23.85
N ASP B 424 -16.68 -18.77 24.85
CA ASP B 424 -16.64 -18.33 26.24
C ASP B 424 -15.23 -17.91 26.65
N GLU B 425 -14.23 -18.70 26.24
CA GLU B 425 -12.85 -18.36 26.58
C GLU B 425 -12.47 -16.99 26.04
N THR B 426 -12.86 -16.69 24.80
CA THR B 426 -12.47 -15.42 24.19
C THR B 426 -13.18 -14.25 24.84
N ILE B 427 -14.47 -14.39 25.12
CA ILE B 427 -15.20 -13.30 25.76
C ILE B 427 -14.62 -13.00 27.13
N GLU B 428 -14.38 -14.05 27.92
CA GLU B 428 -13.72 -13.89 29.22
C GLU B 428 -12.37 -13.20 29.10
N LYS B 429 -11.56 -13.57 28.10
CA LYS B 429 -10.26 -12.95 27.93
C LYS B 429 -10.39 -11.44 27.68
N VAL B 430 -11.36 -11.04 26.87
CA VAL B 430 -11.56 -9.61 26.60
C VAL B 430 -12.06 -8.89 27.85
N VAL B 431 -13.07 -9.46 28.51
CA VAL B 431 -13.79 -8.72 29.55
C VAL B 431 -12.90 -8.45 30.77
N ASN B 432 -12.05 -9.40 31.14
CA ASN B 432 -11.22 -9.34 32.34
CA ASN B 432 -11.24 -9.15 32.33
C ASN B 432 -9.76 -8.97 32.04
N ARG B 433 -9.46 -8.43 30.86
CA ARG B 433 -8.10 -8.05 30.52
C ARG B 433 -7.64 -6.85 31.36
N ASP B 434 -6.33 -6.63 31.34
CA ASP B 434 -5.73 -5.43 31.91
C ASP B 434 -6.03 -4.26 30.98
N ARG B 435 -6.96 -3.39 31.40
CA ARG B 435 -7.42 -2.29 30.54
C ARG B 435 -6.37 -1.22 30.33
N SER B 436 -5.33 -1.19 31.16
CA SER B 436 -4.29 -0.19 30.99
C SER B 436 -3.43 -0.45 29.76
N ILE B 437 -3.55 -1.62 29.15
CA ILE B 437 -2.72 -2.03 28.02
C ILE B 437 -3.58 -2.05 26.77
N LYS B 438 -3.33 -1.12 25.85
CA LYS B 438 -4.02 -0.98 24.57
C LYS B 438 -3.02 -1.00 23.43
N PRO B 439 -3.47 -1.25 22.19
CA PRO B 439 -2.58 -1.05 21.04
C PRO B 439 -2.18 0.43 20.93
N VAL B 440 -1.13 0.66 20.16
CA VAL B 440 -0.78 2.02 19.76
C VAL B 440 -1.84 2.50 18.78
N LEU B 441 -2.51 3.61 19.11
CA LEU B 441 -3.57 4.14 18.28
C LEU B 441 -3.35 5.63 18.02
N PHE B 442 -3.81 6.08 16.86
CA PHE B 442 -3.75 7.49 16.47
C PHE B 442 -5.10 7.92 15.92
N PRO B 443 -5.84 8.78 16.63
CA PRO B 443 -5.48 9.43 17.89
C PRO B 443 -5.39 8.46 19.06
N ALA B 444 -4.61 8.82 20.08
CA ALA B 444 -4.51 7.97 21.26
C ALA B 444 -5.84 7.93 22.00
N GLN B 445 -6.11 6.79 22.63
CA GLN B 445 -7.37 6.61 23.37
C GLN B 445 -7.27 6.56 24.90
N ASN B 446 -5.95 6.70 25.17
CA ASN B 446 -5.13 6.22 26.28
C ASN B 446 -4.01 7.18 26.74
#